data_8ZI9
#
_entry.id   8ZI9
#
_cell.length_a   1.00
_cell.length_b   1.00
_cell.length_c   1.00
_cell.angle_alpha   90.00
_cell.angle_beta   90.00
_cell.angle_gamma   90.00
#
_symmetry.space_group_name_H-M   'P 1'
#
loop_
_entity.id
_entity.type
_entity.pdbx_description
1 polymer Myosin-7
2 polymer 'Actin, alpha cardiac muscle 1'
3 non-polymer "ADENOSINE-5'-DIPHOSPHATE"
#
loop_
_entity_poly.entity_id
_entity_poly.type
_entity_poly.pdbx_seq_one_letter_code
_entity_poly.pdbx_strand_id
1 'polypeptide(L)'
;MAVFGAAAPYLRKSEKERLEAQTRPFDLKKDVFVPDDKQEFVKAKIVSREGGKVTAETEYGKTVTVKEDQVMQQNPPKFD
KIEDMAMLTFLHEPAVLYNLKDRYGSWMIYTYSGLFCVTVNPYKWLPVYTPEVVAAYRGKKRSEAPPHIFSISDNAYQYM
LTDRENQSILITGESGAGKTVNTKRVIQYFAVIAAIGDRSKKDQSPGKGTLEDQIIQANPALEAFGNAKTVRNDNSSRFG
KFIRIHFGATGKLASADIETYLLEKSRVIFQLKAERDYHIFYQILSNKKPELLDMLLITNNPYDYAFISQGETTVASIDD
AEELMATDNAFDVLGFTSEEKNSMYKLTGAIMHFGNMKFKLKQREEQAEPDGTEEADKSAYLMGLNSADLLKGLCHPRVK
VGNEYVTKGQNVQQVIYATGALAKAVYERMFNWMVTRINATLETKQPRQYFIGVLDIAGFEIFDFNSFEQLCINFTNEKL
QQFFNHHMFVLEQEEYKKEGIEWTFIDFGMDLQACIDLIEKPMGIMSILEEECMFPKATDMTFKAKLFDNHLGKSANFQK
PRNIKGKPEAHFSLIHYAGIVDYNIIGWLQKNKDPLNETVVGLYQKSSLKLLSTLFANYAGADAPIEKGKGKAKKGSSFQ
TVSALHRENLNKLMTNLRSTHPHFVRCIIPNETKSPGVMDNPLVMHQLRCNGVLEGIRICRKGFPNRILYGDFRQRYRIL
NPAAIPEGQFIDSRKGAEKLLSSLDIDHNQYKFGHTKVFFKAGLLGLLEEMRDERL
;
M
2 'polypeptide(L)'
;TTALVCDNGSGLVKAGFAGDDAPRAVFPSIVGRPRHQGVMVGMGQKDSYVGDEAQSKRGILTLKYPIEHGIITNWDDMEK
IWHHTFYNELRVAPEEHPTLLTEAPLNPKANREKMTQIMFETFNVPAMYVAIQAVLSLYASGRTTGIVLDSGDGVTHNVP
IYEGYALPHAIMRLDLAGRDLTDYLMKILTERGYSFVTTAEREIVRDIKEKLCYVALDFENEMATAASSSSLEKSYELPD
GQVITIGNERFRCPETLFQPSFIGMESAGIHETTYNSIMKCDIDIRKDLYANNVLSGGTTMYPGIADRMQKEITALAPST
MKIKIIAPPERKYSVWIGGSILASLSTFQQMWISKQEYDEAGPSIVHRKCF
;
F
#
loop_
_chem_comp.id
_chem_comp.type
_chem_comp.name
_chem_comp.formula
ADP non-polymer ADENOSINE-5'-DIPHOSPHATE 'C10 H15 N5 O10 P2'
#
# COMPACT_ATOMS: atom_id res chain seq x y z
N MET A 1 39.32 -13.63 35.13
CA MET A 1 38.77 -14.45 34.06
C MET A 1 38.00 -15.64 34.62
N ALA A 2 37.97 -15.75 35.95
CA ALA A 2 37.18 -16.76 36.63
C ALA A 2 35.74 -16.33 36.89
N VAL A 3 35.43 -15.03 36.77
CA VAL A 3 34.09 -14.53 37.01
C VAL A 3 33.10 -15.10 36.00
N PHE A 4 33.60 -15.66 34.90
CA PHE A 4 32.76 -16.18 33.82
C PHE A 4 32.51 -17.68 33.97
N GLY A 5 32.51 -18.19 35.19
CA GLY A 5 32.14 -19.57 35.47
C GLY A 5 32.84 -20.56 34.55
N ALA A 6 32.07 -21.54 34.08
CA ALA A 6 32.59 -22.55 33.16
C ALA A 6 32.52 -22.11 31.70
N ALA A 7 31.75 -21.08 31.38
CA ALA A 7 31.64 -20.61 30.00
C ALA A 7 32.78 -19.71 29.59
N ALA A 8 33.64 -19.33 30.52
CA ALA A 8 34.73 -18.39 30.25
C ALA A 8 35.47 -18.64 28.93
N PRO A 9 35.87 -19.86 28.57
CA PRO A 9 36.54 -20.01 27.26
C PRO A 9 35.68 -19.59 26.08
N TYR A 10 34.46 -20.12 25.99
CA TYR A 10 33.60 -19.79 24.86
C TYR A 10 33.25 -18.31 24.84
N LEU A 11 33.07 -17.71 26.01
CA LEU A 11 32.73 -16.29 26.07
C LEU A 11 33.92 -15.43 25.67
N ARG A 12 35.12 -15.79 26.09
CA ARG A 12 36.35 -15.07 25.72
C ARG A 12 37.59 -15.88 26.03
N LYS A 13 38.49 -16.02 25.06
CA LYS A 13 39.72 -16.75 25.28
C LYS A 13 40.68 -15.94 26.13
N SER A 14 41.55 -16.65 26.86
CA SER A 14 42.46 -16.03 27.79
C SER A 14 43.52 -15.21 27.07
N GLU A 15 44.05 -14.21 27.79
CA GLU A 15 45.13 -13.38 27.24
C GLU A 15 46.36 -14.23 26.93
N LYS A 16 46.62 -15.24 27.76
CA LYS A 16 47.77 -16.11 27.51
C LYS A 16 47.63 -16.81 26.17
N GLU A 17 46.49 -17.45 25.93
CA GLU A 17 46.26 -18.09 24.64
C GLU A 17 46.24 -17.09 23.50
N ARG A 18 45.73 -15.88 23.75
CA ARG A 18 45.79 -14.84 22.74
C ARG A 18 47.22 -14.59 22.30
N LEU A 19 48.12 -14.40 23.27
CA LEU A 19 49.52 -14.13 22.93
C LEU A 19 50.18 -15.35 22.29
N GLU A 20 49.84 -16.55 22.75
CA GLU A 20 50.42 -17.76 22.16
C GLU A 20 49.96 -17.95 20.72
N ALA A 21 48.79 -17.41 20.37
CA ALA A 21 48.35 -17.41 18.98
C ALA A 21 48.85 -16.22 18.19
N GLN A 22 49.28 -15.15 18.87
CA GLN A 22 49.81 -13.99 18.15
C GLN A 22 51.04 -14.36 17.34
N THR A 23 51.88 -15.24 17.88
CA THR A 23 53.11 -15.62 17.20
C THR A 23 52.76 -16.48 15.99
N ARG A 24 52.73 -15.87 14.81
CA ARG A 24 52.46 -16.61 13.58
C ARG A 24 52.93 -15.78 12.41
N PRO A 25 53.63 -16.38 11.44
CA PRO A 25 54.11 -15.61 10.30
C PRO A 25 52.97 -15.24 9.35
N PHE A 26 53.01 -14.01 8.87
CA PHE A 26 52.02 -13.53 7.90
C PHE A 26 52.69 -12.46 7.05
N ASP A 27 52.73 -12.68 5.73
CA ASP A 27 53.34 -11.73 4.82
C ASP A 27 52.29 -10.71 4.40
N LEU A 28 52.56 -9.44 4.71
CA LEU A 28 51.63 -8.35 4.42
C LEU A 28 51.59 -8.00 2.93
N LYS A 29 52.45 -8.58 2.11
CA LYS A 29 52.53 -8.18 0.71
C LYS A 29 51.89 -9.21 -0.22
N LYS A 30 52.10 -10.49 0.03
CA LYS A 30 51.70 -11.52 -0.93
C LYS A 30 50.74 -12.56 -0.36
N ASP A 31 50.10 -12.26 0.77
CA ASP A 31 49.05 -13.10 1.33
C ASP A 31 47.72 -12.36 1.41
N VAL A 32 47.51 -11.40 0.51
CA VAL A 32 46.36 -10.51 0.52
C VAL A 32 45.11 -11.28 0.12
N PHE A 33 43.93 -10.69 0.34
CA PHE A 33 42.70 -11.35 -0.06
C PHE A 33 42.56 -11.38 -1.57
N VAL A 34 42.07 -12.51 -2.08
CA VAL A 34 42.03 -12.79 -3.51
C VAL A 34 40.67 -13.32 -3.90
N PRO A 35 40.07 -12.82 -4.98
CA PRO A 35 38.79 -13.36 -5.44
C PRO A 35 38.91 -14.84 -5.78
N ASP A 36 37.78 -15.53 -5.70
CA ASP A 36 37.73 -16.98 -5.88
C ASP A 36 36.57 -17.33 -6.80
N ASP A 37 36.57 -18.59 -7.26
CA ASP A 37 35.49 -19.15 -8.06
C ASP A 37 34.51 -19.95 -7.21
N LYS A 38 34.99 -20.98 -6.51
CA LYS A 38 34.10 -21.80 -5.70
C LYS A 38 33.51 -20.99 -4.55
N GLN A 39 34.27 -20.07 -4.00
CA GLN A 39 33.81 -19.08 -3.03
C GLN A 39 34.15 -17.70 -3.55
N GLU A 40 33.99 -16.69 -2.70
CA GLU A 40 34.25 -15.32 -3.13
C GLU A 40 35.71 -14.93 -2.94
N PHE A 41 36.29 -15.32 -1.81
CA PHE A 41 37.64 -14.94 -1.43
C PHE A 41 38.21 -16.09 -0.61
N VAL A 42 39.42 -16.51 -0.95
CA VAL A 42 40.02 -17.65 -0.29
C VAL A 42 41.42 -17.28 0.16
N LYS A 43 41.89 -17.98 1.19
CA LYS A 43 43.22 -17.75 1.72
C LYS A 43 44.24 -18.32 0.74
N ALA A 44 45.17 -17.48 0.30
CA ALA A 44 46.16 -17.91 -0.68
C ALA A 44 47.39 -17.03 -0.55
N LYS A 45 48.42 -17.39 -1.30
CA LYS A 45 49.66 -16.64 -1.36
C LYS A 45 49.98 -16.34 -2.82
N ILE A 46 50.60 -15.18 -3.07
CA ILE A 46 51.02 -14.79 -4.40
C ILE A 46 52.52 -14.96 -4.52
N VAL A 47 52.97 -15.51 -5.66
CA VAL A 47 54.41 -15.69 -5.86
C VAL A 47 55.07 -14.37 -6.22
N SER A 48 54.45 -13.58 -7.09
CA SER A 48 55.03 -12.30 -7.52
C SER A 48 53.96 -11.50 -8.25
N ARG A 49 54.22 -10.19 -8.36
CA ARG A 49 53.34 -9.28 -9.08
C ARG A 49 53.93 -9.07 -10.47
N GLU A 50 53.77 -10.08 -11.33
CA GLU A 50 54.31 -10.04 -12.68
C GLU A 50 53.33 -9.29 -13.58
N GLY A 51 53.49 -7.96 -13.58
CA GLY A 51 52.68 -7.11 -14.45
C GLY A 51 51.21 -7.26 -14.13
N GLY A 52 50.45 -7.71 -15.13
CA GLY A 52 49.07 -8.10 -14.94
C GLY A 52 48.87 -9.55 -14.56
N LYS A 53 49.94 -10.28 -14.26
CA LYS A 53 49.87 -11.69 -13.94
C LYS A 53 50.33 -11.91 -12.52
N VAL A 54 49.50 -12.59 -11.72
CA VAL A 54 49.86 -13.07 -10.40
C VAL A 54 49.41 -14.52 -10.32
N THR A 55 49.87 -15.22 -9.29
CA THR A 55 49.52 -16.63 -9.11
C THR A 55 49.20 -16.86 -7.64
N ALA A 56 47.94 -17.21 -7.36
CA ALA A 56 47.49 -17.44 -5.99
C ALA A 56 47.62 -18.92 -5.66
N GLU A 57 48.45 -19.24 -4.68
CA GLU A 57 48.59 -20.61 -4.18
C GLU A 57 47.72 -20.74 -2.93
N THR A 58 46.53 -21.32 -3.10
CA THR A 58 45.59 -21.50 -2.01
C THR A 58 45.91 -22.79 -1.24
N GLU A 59 45.08 -23.08 -0.25
CA GLU A 59 45.21 -24.33 0.49
C GLU A 59 44.80 -25.53 -0.37
N TYR A 60 43.85 -25.35 -1.28
CA TYR A 60 43.33 -26.45 -2.09
C TYR A 60 44.30 -26.89 -3.18
N GLY A 61 45.45 -26.22 -3.32
CA GLY A 61 46.41 -26.57 -4.35
C GLY A 61 46.20 -25.86 -5.66
N LYS A 62 45.36 -24.83 -5.71
CA LYS A 62 45.09 -24.14 -6.96
C LYS A 62 46.03 -22.96 -7.14
N THR A 63 46.26 -22.60 -8.41
CA THR A 63 47.24 -21.59 -8.82
C THR A 63 46.62 -20.61 -9.81
N VAL A 64 45.43 -20.08 -9.49
CA VAL A 64 44.73 -19.21 -10.42
C VAL A 64 45.36 -17.82 -10.41
N THR A 65 45.21 -17.12 -11.54
CA THR A 65 45.62 -15.72 -11.68
C THR A 65 44.41 -14.82 -11.54
N VAL A 66 44.56 -13.73 -10.78
CA VAL A 66 43.51 -12.72 -10.63
C VAL A 66 44.09 -11.37 -10.99
N LYS A 67 43.22 -10.45 -11.38
CA LYS A 67 43.67 -9.18 -11.91
C LYS A 67 44.09 -8.25 -10.78
N GLU A 68 45.08 -7.39 -11.06
CA GLU A 68 45.65 -6.52 -10.06
C GLU A 68 44.67 -5.48 -9.54
N ASP A 69 43.47 -5.40 -10.11
CA ASP A 69 42.46 -4.43 -9.70
C ASP A 69 41.46 -5.00 -8.70
N GLN A 70 41.60 -6.26 -8.30
CA GLN A 70 40.62 -6.89 -7.42
C GLN A 70 41.30 -7.57 -6.24
N VAL A 71 42.46 -7.08 -5.82
CA VAL A 71 43.20 -7.64 -4.71
C VAL A 71 43.27 -6.62 -3.57
N MET A 72 43.22 -7.12 -2.34
CA MET A 72 43.21 -6.25 -1.18
C MET A 72 43.79 -7.02 0.00
N GLN A 73 44.41 -6.28 0.91
CA GLN A 73 45.20 -6.88 1.98
C GLN A 73 44.34 -7.76 2.87
N GLN A 74 45.01 -8.64 3.61
CA GLN A 74 44.37 -9.47 4.63
C GLN A 74 44.62 -8.85 6.00
N ASN A 75 43.70 -9.10 6.92
CA ASN A 75 43.80 -8.55 8.26
C ASN A 75 45.09 -9.03 8.92
N PRO A 76 45.82 -8.14 9.59
CA PRO A 76 47.06 -8.57 10.25
C PRO A 76 46.76 -9.54 11.39
N PRO A 77 47.73 -10.37 11.76
CA PRO A 77 47.49 -11.31 12.87
C PRO A 77 47.33 -10.65 14.21
N LYS A 78 48.07 -9.57 14.46
CA LYS A 78 47.96 -8.85 15.72
C LYS A 78 46.60 -8.19 15.91
N PHE A 79 45.72 -8.28 14.92
CA PHE A 79 44.40 -7.68 15.01
C PHE A 79 43.32 -8.61 14.47
N ASP A 80 43.68 -9.84 14.11
CA ASP A 80 42.67 -10.89 13.91
C ASP A 80 41.97 -11.21 15.22
N LYS A 81 40.87 -11.96 15.11
CA LYS A 81 40.07 -12.38 16.25
C LYS A 81 39.54 -11.20 17.07
N ILE A 82 39.44 -10.03 16.44
CA ILE A 82 39.04 -8.83 17.15
C ILE A 82 37.56 -8.92 17.51
N GLU A 83 37.22 -8.48 18.72
CA GLU A 83 35.84 -8.55 19.16
C GLU A 83 34.96 -7.57 18.40
N ASP A 84 35.47 -6.37 18.14
CA ASP A 84 34.71 -5.32 17.48
C ASP A 84 35.16 -5.21 16.04
N MET A 85 34.29 -5.61 15.11
CA MET A 85 34.63 -5.54 13.70
C MET A 85 34.94 -4.11 13.28
N ALA A 86 34.34 -3.13 13.96
CA ALA A 86 34.58 -1.73 13.62
C ALA A 86 36.01 -1.31 13.89
N MET A 87 36.70 -1.98 14.81
CA MET A 87 38.08 -1.65 15.14
C MET A 87 39.09 -2.38 14.26
N LEU A 88 38.63 -3.13 13.27
CA LEU A 88 39.54 -3.81 12.37
C LEU A 88 40.44 -2.81 11.67
N THR A 89 41.70 -3.20 11.47
CA THR A 89 42.64 -2.30 10.82
C THR A 89 42.32 -2.11 9.34
N PHE A 90 41.70 -3.11 8.71
CA PHE A 90 41.32 -3.02 7.31
C PHE A 90 39.91 -3.57 7.14
N LEU A 91 38.99 -2.71 6.71
CA LEU A 91 37.57 -3.05 6.64
C LEU A 91 37.21 -3.42 5.20
N HIS A 92 37.15 -4.72 4.95
CA HIS A 92 36.77 -5.26 3.65
C HIS A 92 35.52 -6.12 3.81
N GLU A 93 34.96 -6.54 2.68
CA GLU A 93 33.80 -7.43 2.75
C GLU A 93 34.21 -8.82 3.22
N PRO A 94 35.08 -9.57 2.52
CA PRO A 94 35.41 -10.92 2.98
C PRO A 94 36.27 -10.91 4.23
N ALA A 95 36.83 -9.77 4.61
CA ALA A 95 37.61 -9.67 5.84
C ALA A 95 36.76 -10.07 7.04
N VAL A 96 35.58 -9.44 7.17
CA VAL A 96 34.71 -9.75 8.30
C VAL A 96 34.16 -11.16 8.17
N LEU A 97 33.95 -11.63 6.93
CA LEU A 97 33.51 -13.01 6.74
C LEU A 97 34.51 -13.98 7.36
N TYR A 98 35.79 -13.82 7.03
CA TYR A 98 36.78 -14.74 7.59
C TYR A 98 36.99 -14.51 9.08
N ASN A 99 36.81 -13.27 9.55
CA ASN A 99 36.85 -13.00 10.99
C ASN A 99 35.82 -13.86 11.71
N LEU A 100 34.54 -13.74 11.32
CA LEU A 100 33.51 -14.55 11.95
C LEU A 100 33.71 -16.03 11.68
N LYS A 101 34.33 -16.38 10.54
CA LYS A 101 34.59 -17.78 10.25
C LYS A 101 35.53 -18.38 11.27
N ASP A 102 36.68 -17.74 11.48
CA ASP A 102 37.61 -18.23 12.49
C ASP A 102 37.03 -18.13 13.89
N ARG A 103 36.13 -17.16 14.13
CA ARG A 103 35.56 -17.04 15.46
C ARG A 103 34.56 -18.16 15.75
N TYR A 104 33.83 -18.62 14.74
CA TYR A 104 32.92 -19.74 14.94
C TYR A 104 33.64 -21.09 14.88
N GLY A 105 34.76 -21.17 14.15
CA GLY A 105 35.59 -22.36 14.25
C GLY A 105 36.22 -22.50 15.62
N SER A 106 36.75 -21.40 16.15
CA SER A 106 37.21 -21.30 17.53
C SER A 106 36.05 -21.25 18.53
N TRP A 107 34.81 -21.28 18.03
CA TRP A 107 33.62 -21.42 18.88
C TRP A 107 33.45 -20.22 19.80
N MET A 108 33.51 -19.03 19.22
CA MET A 108 33.06 -17.80 19.88
C MET A 108 31.83 -17.32 19.12
N ILE A 109 30.67 -17.39 19.76
CA ILE A 109 29.42 -17.08 19.09
C ILE A 109 29.28 -15.58 18.86
N TYR A 110 29.24 -14.82 19.94
CA TYR A 110 28.85 -13.42 19.87
C TYR A 110 30.04 -12.57 19.45
N THR A 111 29.75 -11.52 18.67
CA THR A 111 30.79 -10.62 18.19
C THR A 111 30.22 -9.22 18.04
N TYR A 112 30.92 -8.25 18.61
CA TYR A 112 30.55 -6.84 18.47
C TYR A 112 30.95 -6.34 17.08
N SER A 113 30.10 -5.51 16.49
CA SER A 113 30.36 -4.93 15.18
C SER A 113 29.92 -3.48 15.16
N GLY A 114 30.32 -2.73 16.18
CA GLY A 114 29.96 -1.32 16.30
C GLY A 114 28.68 -1.14 17.11
N LEU A 115 27.61 -0.71 16.45
CA LEU A 115 26.32 -0.56 17.11
C LEU A 115 25.45 -1.80 16.99
N PHE A 116 25.95 -2.85 16.35
CA PHE A 116 25.23 -4.11 16.21
C PHE A 116 25.64 -5.10 17.29
N CYS A 117 24.98 -6.25 17.28
CA CYS A 117 25.37 -7.43 18.03
C CYS A 117 25.08 -8.65 17.16
N VAL A 118 26.13 -9.27 16.64
CA VAL A 118 25.99 -10.36 15.68
C VAL A 118 26.09 -11.68 16.43
N THR A 119 25.25 -12.64 16.05
CA THR A 119 25.17 -13.92 16.75
C THR A 119 24.93 -15.03 15.74
N VAL A 120 25.95 -15.85 15.52
CA VAL A 120 25.78 -17.08 14.77
C VAL A 120 25.37 -18.18 15.75
N ASN A 121 24.31 -18.91 15.41
CA ASN A 121 23.77 -19.87 16.35
C ASN A 121 24.70 -21.07 16.46
N PRO A 122 25.09 -21.47 17.68
CA PRO A 122 25.73 -22.78 17.85
C PRO A 122 24.69 -23.88 17.83
N TYR A 123 25.08 -25.01 17.26
CA TYR A 123 24.15 -26.12 17.08
C TYR A 123 24.17 -27.11 18.25
N LYS A 124 25.07 -26.95 19.21
CA LYS A 124 25.13 -27.82 20.37
C LYS A 124 25.09 -26.97 21.65
N TRP A 125 24.73 -27.62 22.75
CA TRP A 125 24.59 -26.92 24.01
C TRP A 125 25.93 -26.37 24.49
N LEU A 126 25.90 -25.18 25.07
CA LEU A 126 27.07 -24.57 25.70
C LEU A 126 26.73 -24.12 27.11
N PRO A 127 27.74 -24.07 27.99
CA PRO A 127 27.54 -23.48 29.32
C PRO A 127 27.35 -21.97 29.31
N VAL A 128 27.34 -21.34 28.14
CA VAL A 128 27.19 -19.90 28.07
C VAL A 128 25.79 -19.44 28.43
N TYR A 129 24.82 -20.36 28.48
CA TYR A 129 23.46 -20.04 28.84
C TYR A 129 23.11 -20.49 30.25
N THR A 130 24.11 -20.84 31.05
CA THR A 130 23.87 -21.21 32.44
C THR A 130 23.59 -19.95 33.26
N PRO A 131 22.74 -20.05 34.29
CA PRO A 131 22.36 -18.84 35.05
C PRO A 131 23.51 -18.17 35.78
N GLU A 132 24.66 -18.84 35.88
CA GLU A 132 25.78 -18.26 36.62
C GLU A 132 26.33 -17.04 35.91
N VAL A 133 26.52 -17.11 34.59
CA VAL A 133 27.01 -15.94 33.86
C VAL A 133 25.96 -14.84 33.87
N VAL A 134 24.68 -15.24 33.84
CA VAL A 134 23.59 -14.27 33.92
C VAL A 134 23.71 -13.45 35.19
N ALA A 135 23.77 -14.12 36.34
CA ALA A 135 23.84 -13.41 37.61
C ALA A 135 25.17 -12.68 37.78
N ALA A 136 26.26 -13.26 37.26
CA ALA A 136 27.59 -12.69 37.46
C ALA A 136 27.91 -11.55 36.51
N TYR A 137 27.12 -11.37 35.45
CA TYR A 137 27.36 -10.20 34.61
C TYR A 137 26.96 -8.91 35.31
N ARG A 138 26.01 -8.98 36.23
CA ARG A 138 25.50 -7.79 36.89
C ARG A 138 26.64 -7.06 37.60
N GLY A 139 26.98 -5.88 37.07
CA GLY A 139 28.08 -5.08 37.59
C GLY A 139 29.24 -4.88 36.62
N LYS A 140 29.18 -5.44 35.42
CA LYS A 140 30.21 -5.26 34.41
C LYS A 140 29.68 -4.41 33.26
N LYS A 141 30.58 -3.71 32.59
CA LYS A 141 30.23 -2.70 31.60
C LYS A 141 30.23 -3.28 30.19
N ARG A 142 29.57 -2.53 29.28
CA ARG A 142 29.50 -2.94 27.88
C ARG A 142 30.84 -2.77 27.18
N SER A 143 31.55 -1.68 27.45
CA SER A 143 32.76 -1.36 26.71
C SER A 143 33.84 -2.42 26.91
N GLU A 144 33.85 -3.08 28.07
CA GLU A 144 34.91 -4.04 28.41
C GLU A 144 34.47 -5.49 28.29
N ALA A 145 33.26 -5.83 28.71
CA ALA A 145 32.83 -7.21 28.70
C ALA A 145 32.77 -7.73 27.27
N PRO A 146 33.09 -9.00 27.04
CA PRO A 146 33.07 -9.55 25.68
C PRO A 146 31.65 -9.62 25.16
N PRO A 147 31.47 -9.69 23.84
CA PRO A 147 30.12 -9.57 23.28
C PRO A 147 29.21 -10.71 23.69
N HIS A 148 27.94 -10.35 23.93
CA HIS A 148 26.85 -11.26 24.24
C HIS A 148 25.57 -10.43 24.30
N ILE A 149 24.44 -11.09 24.05
CA ILE A 149 23.18 -10.36 24.07
C ILE A 149 22.76 -9.98 25.48
N PHE A 150 23.25 -10.67 26.52
CA PHE A 150 22.98 -10.23 27.87
C PHE A 150 23.54 -8.83 28.10
N SER A 151 24.68 -8.53 27.48
CA SER A 151 25.27 -7.21 27.59
C SER A 151 24.30 -6.14 27.09
N ILE A 152 23.87 -6.25 25.84
CA ILE A 152 22.99 -5.24 25.27
C ILE A 152 21.65 -5.23 25.98
N SER A 153 21.19 -6.37 26.49
CA SER A 153 19.96 -6.39 27.28
C SER A 153 20.10 -5.51 28.52
N ASP A 154 21.19 -5.71 29.26
CA ASP A 154 21.43 -4.90 30.46
C ASP A 154 21.64 -3.43 30.09
N ASN A 155 22.31 -3.18 28.97
CA ASN A 155 22.55 -1.80 28.56
C ASN A 155 21.24 -1.10 28.21
N ALA A 156 20.34 -1.82 27.53
CA ALA A 156 19.01 -1.28 27.27
C ALA A 156 18.27 -1.04 28.58
N TYR A 157 18.36 -1.98 29.52
CA TYR A 157 17.68 -1.81 30.79
C TYR A 157 18.15 -0.55 31.51
N GLN A 158 19.46 -0.41 31.67
CA GLN A 158 19.99 0.74 32.39
C GLN A 158 19.78 2.03 31.63
N TYR A 159 19.81 1.99 30.29
CA TYR A 159 19.45 3.15 29.50
C TYR A 159 18.02 3.58 29.79
N MET A 160 17.10 2.62 29.81
CA MET A 160 15.73 2.91 30.18
C MET A 160 15.68 3.57 31.55
N LEU A 161 16.43 3.02 32.51
CA LEU A 161 16.32 3.51 33.88
C LEU A 161 16.97 4.87 34.06
N THR A 162 17.95 5.22 33.22
CA THR A 162 18.58 6.52 33.38
C THR A 162 17.88 7.60 32.57
N ASP A 163 17.42 7.28 31.37
CA ASP A 163 16.82 8.28 30.50
C ASP A 163 15.30 8.35 30.63
N ARG A 164 14.69 7.39 31.34
CA ARG A 164 13.24 7.36 31.54
C ARG A 164 12.52 7.32 30.19
N GLU A 165 12.94 6.36 29.35
CA GLU A 165 12.40 6.22 28.00
C GLU A 165 12.32 4.74 27.66
N ASN A 166 11.65 4.44 26.55
CA ASN A 166 11.58 3.08 26.06
C ASN A 166 12.79 2.75 25.21
N GLN A 167 13.09 1.46 25.10
CA GLN A 167 14.16 0.98 24.23
C GLN A 167 13.58 -0.07 23.30
N SER A 168 14.30 -0.36 22.23
CA SER A 168 13.80 -1.29 21.22
C SER A 168 14.90 -2.26 20.80
N ILE A 169 14.58 -3.54 20.84
CA ILE A 169 15.50 -4.61 20.44
C ILE A 169 15.02 -5.13 19.09
N LEU A 170 15.90 -5.07 18.10
CA LEU A 170 15.54 -5.43 16.73
C LEU A 170 16.31 -6.68 16.32
N ILE A 171 15.76 -7.84 16.66
CA ILE A 171 16.37 -9.12 16.32
C ILE A 171 16.11 -9.41 14.86
N THR A 172 17.18 -9.65 14.10
CA THR A 172 17.12 -9.67 12.65
C THR A 172 17.73 -10.96 12.12
N GLY A 173 16.90 -11.84 11.59
CA GLY A 173 17.38 -13.11 11.08
C GLY A 173 16.23 -13.86 10.44
N GLU A 174 16.56 -15.04 9.92
CA GLU A 174 15.58 -15.89 9.27
C GLU A 174 14.91 -16.81 10.28
N SER A 175 13.62 -17.05 10.08
CA SER A 175 12.91 -17.99 10.93
C SER A 175 13.51 -19.38 10.75
N GLY A 176 13.78 -20.05 11.88
CA GLY A 176 14.49 -21.30 11.86
C GLY A 176 16.00 -21.17 11.98
N ALA A 177 16.52 -19.95 12.12
CA ALA A 177 17.93 -19.73 12.40
C ALA A 177 18.19 -19.40 13.86
N GLY A 178 17.21 -19.60 14.74
CA GLY A 178 17.38 -19.39 16.15
C GLY A 178 16.72 -18.17 16.74
N LYS A 179 15.87 -17.48 15.98
CA LYS A 179 15.27 -16.25 16.46
C LYS A 179 14.37 -16.49 17.67
N THR A 180 13.52 -17.52 17.58
CA THR A 180 12.63 -17.85 18.68
C THR A 180 13.40 -18.04 19.97
N VAL A 181 14.42 -18.90 19.95
CA VAL A 181 15.13 -19.21 21.18
C VAL A 181 15.99 -18.04 21.62
N ASN A 182 16.45 -17.22 20.69
CA ASN A 182 17.18 -16.01 21.06
C ASN A 182 16.28 -15.08 21.87
N THR A 183 15.07 -14.82 21.36
CA THR A 183 14.11 -14.02 22.11
C THR A 183 13.73 -14.69 23.41
N LYS A 184 13.69 -16.02 23.45
CA LYS A 184 13.36 -16.73 24.68
C LYS A 184 14.41 -16.46 25.75
N ARG A 185 15.69 -16.56 25.37
CA ARG A 185 16.74 -16.28 26.35
C ARG A 185 16.77 -14.81 26.72
N VAL A 186 16.38 -13.93 25.79
CA VAL A 186 16.23 -12.52 26.14
C VAL A 186 15.20 -12.34 27.25
N ILE A 187 14.02 -12.94 27.07
CA ILE A 187 12.96 -12.74 28.05
C ILE A 187 13.32 -13.44 29.36
N GLN A 188 14.06 -14.54 29.30
CA GLN A 188 14.57 -15.15 30.52
C GLN A 188 15.47 -14.19 31.27
N TYR A 189 16.44 -13.60 30.56
CA TYR A 189 17.35 -12.67 31.22
C TYR A 189 16.58 -11.49 31.82
N PHE A 190 15.56 -11.02 31.11
CA PHE A 190 14.78 -9.89 31.63
C PHE A 190 14.00 -10.28 32.88
N ALA A 191 13.43 -11.48 32.89
CA ALA A 191 12.79 -11.97 34.12
C ALA A 191 13.80 -12.11 35.25
N VAL A 192 15.01 -12.54 34.92
CA VAL A 192 16.05 -12.75 35.92
C VAL A 192 16.40 -11.42 36.58
N ILE A 193 16.69 -10.40 35.76
CA ILE A 193 16.99 -9.09 36.29
C ILE A 193 15.74 -8.39 36.83
N ALA A 194 14.57 -8.97 36.61
CA ALA A 194 13.32 -8.51 37.21
C ALA A 194 13.02 -7.05 36.89
N LEU A 211 6.45 -13.99 32.81
CA LEU A 211 5.31 -14.38 31.99
C LEU A 211 5.78 -15.02 30.69
N GLU A 212 7.05 -15.42 30.68
CA GLU A 212 7.64 -16.03 29.49
C GLU A 212 6.91 -17.32 29.11
N ASP A 213 6.53 -18.11 30.10
CA ASP A 213 5.82 -19.36 29.83
C ASP A 213 4.55 -19.10 29.03
N GLN A 214 3.83 -18.03 29.37
CA GLN A 214 2.62 -17.68 28.64
C GLN A 214 2.94 -17.25 27.21
N ILE A 215 4.05 -16.52 27.02
CA ILE A 215 4.47 -16.14 25.68
C ILE A 215 4.68 -17.38 24.82
N ILE A 216 5.49 -18.31 25.31
CA ILE A 216 5.78 -19.51 24.53
C ILE A 216 4.52 -20.36 24.36
N GLN A 217 3.62 -20.33 25.34
CA GLN A 217 2.41 -21.14 25.27
C GLN A 217 1.46 -20.62 24.19
N ALA A 218 1.31 -19.31 24.08
CA ALA A 218 0.45 -18.75 23.07
C ALA A 218 1.15 -18.59 21.72
N ASN A 219 2.47 -18.81 21.67
CA ASN A 219 3.18 -18.69 20.41
C ASN A 219 2.68 -19.60 19.29
N PRO A 220 2.35 -20.88 19.51
CA PRO A 220 1.88 -21.70 18.38
C PRO A 220 0.70 -21.12 17.63
N ALA A 221 -0.14 -20.33 18.30
CA ALA A 221 -1.25 -19.67 17.60
C ALA A 221 -0.73 -18.74 16.52
N LEU A 222 0.20 -17.85 16.88
CA LEU A 222 0.78 -16.94 15.89
C LEU A 222 1.56 -17.72 14.84
N GLU A 223 2.28 -18.76 15.27
CA GLU A 223 3.01 -19.59 14.32
C GLU A 223 2.07 -20.18 13.27
N ALA A 224 0.86 -20.52 13.67
CA ALA A 224 -0.12 -20.99 12.71
C ALA A 224 -0.60 -19.85 11.83
N PHE A 225 -1.12 -18.80 12.44
CA PHE A 225 -1.90 -17.79 11.72
C PHE A 225 -1.03 -16.76 11.03
N GLY A 226 0.29 -16.87 11.11
CA GLY A 226 1.13 -15.87 10.46
C GLY A 226 2.39 -16.40 9.85
N ASN A 227 2.47 -17.71 9.61
CA ASN A 227 3.62 -18.32 9.00
C ASN A 227 3.21 -19.12 7.78
N ALA A 228 4.05 -19.08 6.76
CA ALA A 228 3.78 -19.82 5.53
C ALA A 228 5.11 -20.22 4.90
N LYS A 229 5.04 -21.25 4.07
CA LYS A 229 6.23 -21.79 3.44
C LYS A 229 6.65 -20.90 2.28
N THR A 230 7.84 -20.31 2.38
CA THR A 230 8.53 -19.74 1.24
C THR A 230 9.60 -20.71 0.76
N VAL A 231 10.40 -20.26 -0.21
CA VAL A 231 11.42 -21.14 -0.76
C VAL A 231 12.63 -21.21 0.16
N ARG A 232 13.06 -20.09 0.70
CA ARG A 232 14.22 -20.07 1.58
C ARG A 232 13.92 -20.67 2.95
N ASN A 233 12.64 -20.79 3.31
CA ASN A 233 12.28 -21.30 4.62
C ASN A 233 10.90 -21.94 4.58
N ASP A 234 10.73 -23.01 5.35
CA ASP A 234 9.44 -23.68 5.44
C ASP A 234 8.59 -23.22 6.60
N ASN A 235 9.11 -22.34 7.46
CA ASN A 235 8.32 -21.76 8.55
C ASN A 235 8.58 -20.28 8.63
N SER A 236 8.52 -19.61 7.48
CA SER A 236 8.78 -18.18 7.41
C SER A 236 7.65 -17.38 8.04
N SER A 237 8.01 -16.33 8.76
CA SER A 237 7.03 -15.42 9.33
C SER A 237 6.70 -14.32 8.32
N ARG A 238 5.41 -14.03 8.19
CA ARG A 238 4.94 -13.00 7.29
C ARG A 238 4.56 -11.72 8.00
N PHE A 239 3.98 -11.81 9.18
CA PHE A 239 3.61 -10.63 9.94
C PHE A 239 4.77 -10.15 10.80
N GLY A 240 4.74 -8.86 11.11
CA GLY A 240 5.75 -8.26 11.96
C GLY A 240 5.48 -8.36 13.44
N LYS A 241 5.73 -9.54 14.03
CA LYS A 241 5.56 -9.70 15.47
C LYS A 241 6.46 -8.73 16.23
N PHE A 242 5.97 -8.30 17.39
CA PHE A 242 6.68 -7.28 18.17
C PHE A 242 6.12 -7.33 19.59
N ILE A 243 6.94 -7.76 20.53
CA ILE A 243 6.52 -7.92 21.93
C ILE A 243 7.02 -6.74 22.73
N ARG A 244 6.11 -6.02 23.37
CA ARG A 244 6.43 -4.94 24.29
C ARG A 244 6.48 -5.49 25.70
N ILE A 245 7.64 -5.36 26.35
CA ILE A 245 7.83 -5.79 27.73
C ILE A 245 7.80 -4.55 28.60
N HIS A 246 6.68 -4.30 29.25
CA HIS A 246 6.58 -3.14 30.11
C HIS A 246 7.31 -3.36 31.43
N PHE A 247 7.39 -2.30 32.22
CA PHE A 247 7.96 -2.37 33.55
C PHE A 247 7.21 -1.39 34.44
N GLY A 248 7.65 -1.30 35.70
CA GLY A 248 7.07 -0.38 36.64
C GLY A 248 7.95 0.85 36.84
N ALA A 249 7.64 1.57 37.93
CA ALA A 249 8.50 2.68 38.34
C ALA A 249 9.80 2.17 38.92
N THR A 250 9.74 1.09 39.69
CA THR A 250 10.91 0.45 40.28
C THR A 250 11.64 -0.46 39.31
N GLY A 251 11.37 -0.32 38.00
CA GLY A 251 12.06 -1.14 37.02
C GLY A 251 11.84 -2.62 37.18
N LYS A 252 10.76 -3.02 37.82
CA LYS A 252 10.46 -4.43 38.04
C LYS A 252 9.38 -4.90 37.08
N LEU A 253 9.40 -6.21 36.80
CA LEU A 253 8.54 -6.78 35.78
C LEU A 253 7.08 -6.50 36.08
N ALA A 254 6.40 -5.83 35.15
CA ALA A 254 5.01 -5.44 35.34
C ALA A 254 4.06 -6.23 34.46
N SER A 255 4.25 -6.18 33.14
CA SER A 255 3.37 -6.87 32.20
C SER A 255 4.02 -6.84 30.82
N ALA A 256 3.41 -7.57 29.89
CA ALA A 256 3.92 -7.68 28.52
C ALA A 256 2.81 -7.37 27.53
N ASP A 257 3.16 -6.66 26.46
CA ASP A 257 2.22 -6.29 25.40
C ASP A 257 2.77 -6.78 24.07
N ILE A 258 1.86 -6.95 23.10
CA ILE A 258 2.22 -7.49 21.80
C ILE A 258 1.39 -6.79 20.74
N GLU A 259 2.01 -6.51 19.60
CA GLU A 259 1.34 -5.90 18.46
C GLU A 259 1.78 -6.58 17.18
N THR A 260 0.87 -6.62 16.21
CA THR A 260 1.17 -7.20 14.91
C THR A 260 1.15 -6.10 13.86
N TYR A 261 2.10 -6.18 12.93
CA TYR A 261 2.27 -5.18 11.89
C TYR A 261 2.46 -5.87 10.55
N LEU A 262 2.01 -5.20 9.49
CA LEU A 262 2.42 -5.51 8.13
C LEU A 262 2.12 -6.95 7.73
N LEU A 263 1.08 -7.55 8.32
CA LEU A 263 0.71 -8.89 7.92
C LEU A 263 0.28 -8.89 6.46
N GLU A 264 0.94 -9.71 5.64
CA GLU A 264 0.66 -9.71 4.21
C GLU A 264 -0.65 -10.40 3.92
N LYS A 265 -1.54 -9.70 3.21
CA LYS A 265 -2.85 -10.25 2.86
C LYS A 265 -2.85 -10.99 1.53
N SER A 266 -1.95 -10.65 0.61
CA SER A 266 -1.94 -11.28 -0.70
C SER A 266 -1.76 -12.79 -0.63
N ARG A 267 -1.16 -13.29 0.45
CA ARG A 267 -0.95 -14.74 0.56
C ARG A 267 -2.27 -15.47 0.66
N VAL A 268 -3.28 -14.88 1.29
CA VAL A 268 -4.53 -15.57 1.51
C VAL A 268 -5.23 -15.90 0.20
N ILE A 269 -4.84 -15.25 -0.90
CA ILE A 269 -5.49 -15.42 -2.19
C ILE A 269 -4.52 -15.96 -3.23
N PHE A 270 -3.43 -15.25 -3.48
CA PHE A 270 -2.48 -15.63 -4.53
C PHE A 270 -1.23 -16.20 -3.89
N GLN A 271 -0.77 -17.34 -4.41
CA GLN A 271 0.47 -17.97 -4.01
C GLN A 271 1.33 -18.20 -5.25
N LEU A 272 2.64 -18.12 -5.05
CA LEU A 272 3.58 -18.26 -6.16
C LEU A 272 3.61 -19.71 -6.64
N LYS A 273 4.51 -19.96 -7.61
CA LYS A 273 4.64 -21.30 -8.16
C LYS A 273 5.31 -22.25 -7.17
N ALA A 274 6.16 -21.73 -6.29
CA ALA A 274 7.01 -22.56 -5.44
C ALA A 274 6.68 -22.47 -3.96
N GLU A 275 5.58 -21.82 -3.58
CA GLU A 275 5.30 -21.57 -2.17
C GLU A 275 3.85 -21.88 -1.86
N ARG A 276 3.56 -22.01 -0.57
CA ARG A 276 2.23 -22.37 -0.08
C ARG A 276 1.54 -21.17 0.54
N ASP A 277 0.28 -21.38 0.89
CA ASP A 277 -0.49 -20.42 1.67
C ASP A 277 -0.07 -20.56 3.13
N TYR A 278 -0.83 -19.95 4.04
CA TYR A 278 -0.54 -20.07 5.44
C TYR A 278 -0.72 -21.52 5.91
N HIS A 279 -0.10 -21.83 7.05
CA HIS A 279 -0.09 -23.21 7.54
C HIS A 279 -1.49 -23.69 7.91
N ILE A 280 -2.37 -22.79 8.33
CA ILE A 280 -3.60 -23.20 8.99
C ILE A 280 -4.48 -24.02 8.06
N PHE A 281 -4.58 -23.59 6.81
CA PHE A 281 -5.44 -24.30 5.87
C PHE A 281 -5.00 -25.74 5.70
N TYR A 282 -3.69 -25.97 5.68
CA TYR A 282 -3.18 -27.33 5.55
C TYR A 282 -3.38 -28.11 6.85
N GLN A 283 -3.15 -27.48 7.99
CA GLN A 283 -3.36 -28.14 9.27
C GLN A 283 -4.82 -28.59 9.41
N ILE A 284 -5.76 -27.73 9.00
CA ILE A 284 -7.16 -28.15 8.96
C ILE A 284 -7.35 -29.25 7.94
N LEU A 285 -6.65 -29.17 6.82
CA LEU A 285 -6.73 -30.22 5.81
C LEU A 285 -6.13 -31.54 6.28
N SER A 286 -5.43 -31.55 7.39
CA SER A 286 -5.02 -32.81 8.02
C SER A 286 -6.26 -33.51 8.55
N ASN A 287 -6.52 -34.73 8.06
CA ASN A 287 -7.74 -35.42 8.43
C ASN A 287 -7.76 -35.93 9.86
N LYS A 288 -6.71 -35.69 10.64
CA LYS A 288 -6.68 -36.20 12.02
C LYS A 288 -7.84 -35.65 12.85
N LYS A 289 -8.47 -34.56 12.43
CA LYS A 289 -9.73 -34.10 13.00
C LYS A 289 -10.82 -34.27 11.95
N PRO A 290 -11.40 -35.46 11.81
CA PRO A 290 -12.50 -35.62 10.84
C PRO A 290 -13.76 -34.88 11.24
N GLU A 291 -13.91 -34.51 12.51
CA GLU A 291 -15.08 -33.74 12.91
C GLU A 291 -15.05 -32.36 12.28
N LEU A 292 -13.87 -31.74 12.17
CA LEU A 292 -13.79 -30.44 11.52
C LEU A 292 -14.18 -30.54 10.06
N LEU A 293 -13.69 -31.57 9.36
CA LEU A 293 -14.01 -31.70 7.95
C LEU A 293 -15.49 -31.99 7.73
N ASP A 294 -16.07 -32.89 8.52
CA ASP A 294 -17.47 -33.18 8.25
C ASP A 294 -18.41 -32.12 8.81
N MET A 295 -17.91 -31.21 9.65
CA MET A 295 -18.73 -30.07 10.05
C MET A 295 -18.51 -28.84 9.17
N LEU A 296 -17.43 -28.81 8.38
CA LEU A 296 -17.16 -27.71 7.48
C LEU A 296 -17.33 -28.06 6.01
N LEU A 297 -17.76 -29.27 5.69
CA LEU A 297 -17.96 -29.69 4.30
C LEU A 297 -16.65 -29.64 3.51
N ILE A 298 -15.54 -29.83 4.20
CA ILE A 298 -14.23 -29.78 3.57
C ILE A 298 -13.87 -31.17 3.09
N THR A 299 -13.83 -31.34 1.77
CA THR A 299 -13.35 -32.59 1.19
C THR A 299 -11.85 -32.70 1.38
N ASN A 300 -11.36 -33.93 1.54
CA ASN A 300 -9.95 -34.14 1.86
C ASN A 300 -9.01 -33.61 0.79
N ASN A 301 -9.47 -33.51 -0.45
CA ASN A 301 -8.59 -33.23 -1.57
C ASN A 301 -8.18 -31.76 -1.58
N PRO A 302 -6.90 -31.44 -1.39
CA PRO A 302 -6.48 -30.02 -1.37
C PRO A 302 -6.54 -29.35 -2.73
N TYR A 303 -6.46 -30.10 -3.82
CA TYR A 303 -6.63 -29.50 -5.15
C TYR A 303 -8.02 -28.93 -5.34
N ASP A 304 -8.95 -29.24 -4.44
CA ASP A 304 -10.35 -28.87 -4.66
C ASP A 304 -10.55 -27.37 -4.54
N TYR A 305 -9.75 -26.71 -3.71
CA TYR A 305 -10.00 -25.33 -3.32
C TYR A 305 -9.04 -24.38 -4.02
N ALA A 306 -9.61 -23.43 -4.78
CA ALA A 306 -8.83 -22.66 -5.75
C ALA A 306 -7.94 -21.62 -5.09
N PHE A 307 -8.36 -21.06 -3.96
CA PHE A 307 -7.52 -20.08 -3.29
C PHE A 307 -6.19 -20.66 -2.88
N ILE A 308 -6.11 -21.98 -2.66
CA ILE A 308 -4.94 -22.63 -2.12
C ILE A 308 -4.20 -23.45 -3.17
N SER A 309 -4.94 -24.13 -4.05
CA SER A 309 -4.34 -25.11 -4.95
C SER A 309 -3.30 -24.50 -5.89
N GLN A 310 -3.29 -23.20 -6.08
CA GLN A 310 -2.30 -22.61 -6.96
C GLN A 310 -0.90 -22.60 -6.36
N GLY A 311 -0.78 -22.67 -5.04
CA GLY A 311 0.51 -22.79 -4.39
C GLY A 311 0.95 -24.24 -4.27
N GLU A 312 2.08 -24.42 -3.58
CA GLU A 312 2.57 -25.77 -3.30
C GLU A 312 1.57 -26.49 -2.40
N THR A 313 1.06 -27.62 -2.90
CA THR A 313 -0.01 -28.31 -2.19
C THR A 313 0.46 -28.81 -0.83
N THR A 314 1.44 -29.70 -0.82
CA THR A 314 1.99 -30.22 0.42
C THR A 314 3.49 -30.38 0.29
N VAL A 315 4.21 -30.12 1.38
CA VAL A 315 5.65 -30.26 1.43
C VAL A 315 6.05 -30.93 2.74
N ALA A 316 7.26 -31.47 2.75
CA ALA A 316 7.81 -32.11 3.94
C ALA A 316 8.29 -31.05 4.91
N SER A 317 7.41 -30.13 5.28
CA SER A 317 7.78 -29.05 6.17
C SER A 317 7.81 -29.51 7.62
N ILE A 318 6.66 -29.92 8.15
CA ILE A 318 6.51 -30.36 9.52
C ILE A 318 5.42 -31.41 9.56
N ASP A 319 5.23 -32.00 10.74
CA ASP A 319 4.07 -32.86 10.99
C ASP A 319 2.86 -31.98 11.21
N ASP A 320 2.14 -31.69 10.11
CA ASP A 320 1.06 -30.71 10.15
C ASP A 320 -0.09 -31.17 11.04
N ALA A 321 -0.37 -32.47 11.07
CA ALA A 321 -1.41 -33.00 11.95
C ALA A 321 -1.06 -32.72 13.41
N GLU A 322 0.17 -33.07 13.80
CA GLU A 322 0.60 -32.78 15.15
C GLU A 322 0.57 -31.29 15.44
N GLU A 323 0.87 -30.46 14.45
CA GLU A 323 0.85 -29.03 14.70
C GLU A 323 -0.57 -28.53 14.91
N LEU A 324 -1.51 -29.07 14.14
CA LEU A 324 -2.92 -28.84 14.40
C LEU A 324 -3.27 -29.18 15.84
N MET A 325 -2.79 -30.33 16.32
CA MET A 325 -3.08 -30.72 17.69
C MET A 325 -2.45 -29.77 18.70
N ALA A 326 -1.20 -29.36 18.46
CA ALA A 326 -0.52 -28.45 19.38
C ALA A 326 -1.25 -27.12 19.44
N THR A 327 -1.75 -26.64 18.30
CA THR A 327 -2.50 -25.40 18.29
C THR A 327 -3.83 -25.55 19.01
N ASP A 328 -4.53 -26.67 18.80
CA ASP A 328 -5.78 -26.88 19.52
C ASP A 328 -5.54 -26.95 21.03
N ASN A 329 -4.43 -27.57 21.44
CA ASN A 329 -4.09 -27.61 22.85
C ASN A 329 -3.82 -26.22 23.39
N ALA A 330 -3.01 -25.43 22.67
CA ALA A 330 -2.75 -24.06 23.08
C ALA A 330 -4.03 -23.26 23.16
N PHE A 331 -4.98 -23.52 22.25
CA PHE A 331 -6.26 -22.83 22.28
C PHE A 331 -7.03 -23.19 23.55
N ASP A 332 -7.23 -24.49 23.78
CA ASP A 332 -8.00 -24.92 24.95
C ASP A 332 -7.36 -24.44 26.24
N VAL A 333 -6.04 -24.30 26.28
CA VAL A 333 -5.41 -23.77 27.48
C VAL A 333 -5.32 -22.24 27.46
N LEU A 334 -5.78 -21.60 26.40
CA LEU A 334 -5.89 -20.15 26.43
C LEU A 334 -7.30 -19.75 26.85
N GLY A 335 -7.45 -18.46 27.18
CA GLY A 335 -8.63 -18.00 27.87
C GLY A 335 -9.94 -18.24 27.16
N PHE A 336 -9.90 -18.56 25.86
CA PHE A 336 -11.12 -18.55 25.08
C PHE A 336 -11.73 -19.94 24.95
N THR A 337 -13.05 -19.96 24.80
CA THR A 337 -13.83 -21.17 24.92
C THR A 337 -13.64 -22.09 23.73
N SER A 338 -14.33 -23.23 23.75
CA SER A 338 -14.29 -24.17 22.64
C SER A 338 -15.17 -23.71 21.48
N GLU A 339 -16.32 -23.09 21.76
CA GLU A 339 -17.14 -22.52 20.70
C GLU A 339 -16.35 -21.53 19.88
N GLU A 340 -15.45 -20.79 20.52
CA GLU A 340 -14.69 -19.76 19.83
C GLU A 340 -13.67 -20.37 18.88
N LYS A 341 -13.00 -21.45 19.30
CA LYS A 341 -12.15 -22.19 18.38
C LYS A 341 -12.98 -22.77 17.23
N ASN A 342 -14.18 -23.24 17.55
CA ASN A 342 -15.07 -23.78 16.53
C ASN A 342 -15.41 -22.72 15.49
N SER A 343 -15.72 -21.50 15.95
CA SER A 343 -16.03 -20.42 15.04
C SER A 343 -14.80 -20.03 14.22
N MET A 344 -13.63 -20.01 14.85
CA MET A 344 -12.40 -19.71 14.11
C MET A 344 -12.21 -20.71 12.96
N TYR A 345 -12.32 -21.99 13.26
CA TYR A 345 -12.13 -23.01 12.24
C TYR A 345 -13.17 -22.87 11.14
N LYS A 346 -14.43 -22.65 11.51
CA LYS A 346 -15.46 -22.56 10.49
C LYS A 346 -15.28 -21.31 9.64
N LEU A 347 -14.85 -20.20 10.24
CA LEU A 347 -14.59 -18.99 9.48
C LEU A 347 -13.50 -19.22 8.45
N THR A 348 -12.42 -19.88 8.85
CA THR A 348 -11.36 -20.21 7.90
C THR A 348 -11.89 -21.10 6.78
N GLY A 349 -12.76 -22.05 7.11
CA GLY A 349 -13.38 -22.86 6.08
C GLY A 349 -14.26 -22.06 5.14
N ALA A 350 -14.90 -21.01 5.64
CA ALA A 350 -15.71 -20.14 4.79
C ALA A 350 -14.82 -19.36 3.83
N ILE A 351 -13.71 -18.82 4.35
CA ILE A 351 -12.71 -18.19 3.48
C ILE A 351 -12.29 -19.15 2.39
N MET A 352 -12.12 -20.42 2.76
CA MET A 352 -11.74 -21.43 1.76
C MET A 352 -12.86 -21.65 0.74
N HIS A 353 -14.10 -21.62 1.20
CA HIS A 353 -15.23 -21.79 0.29
C HIS A 353 -15.47 -20.59 -0.63
N PHE A 354 -14.93 -19.42 -0.30
CA PHE A 354 -15.12 -18.29 -1.20
C PHE A 354 -14.52 -18.52 -2.57
N GLY A 355 -13.41 -19.26 -2.66
CA GLY A 355 -12.66 -19.31 -3.90
C GLY A 355 -13.35 -20.01 -5.05
N ASN A 356 -14.27 -20.93 -4.78
CA ASN A 356 -14.85 -21.74 -5.85
C ASN A 356 -16.09 -21.12 -6.46
N MET A 357 -16.49 -19.93 -6.02
CA MET A 357 -17.64 -19.26 -6.62
C MET A 357 -17.46 -19.07 -8.11
N LYS A 358 -18.56 -19.11 -8.85
CA LYS A 358 -18.53 -19.00 -10.30
C LYS A 358 -19.53 -17.94 -10.75
N PHE A 359 -19.08 -17.03 -11.61
CA PHE A 359 -19.93 -15.98 -12.11
C PHE A 359 -19.85 -15.93 -13.63
N LYS A 360 -20.97 -15.56 -14.25
CA LYS A 360 -21.06 -15.43 -15.69
C LYS A 360 -21.67 -14.08 -16.04
N LEU A 361 -21.35 -13.60 -17.24
CA LEU A 361 -22.02 -12.41 -17.72
C LEU A 361 -23.47 -12.74 -18.06
N LYS A 362 -24.30 -11.72 -18.10
CA LYS A 362 -25.72 -11.94 -18.33
C LYS A 362 -25.98 -12.17 -19.81
N GLN A 363 -27.26 -12.15 -20.18
CA GLN A 363 -27.72 -12.51 -21.51
C GLN A 363 -27.18 -11.57 -22.57
N ARG A 364 -27.64 -10.33 -22.55
CA ARG A 364 -27.24 -9.32 -23.52
C ARG A 364 -26.86 -8.03 -22.78
N GLU A 365 -26.09 -8.18 -21.72
CA GLU A 365 -25.68 -7.06 -20.88
C GLU A 365 -24.27 -7.31 -20.38
N GLU A 366 -23.78 -6.41 -19.55
CA GLU A 366 -22.46 -6.51 -18.95
C GLU A 366 -22.52 -6.83 -17.47
N GLN A 367 -23.62 -7.38 -16.98
CA GLN A 367 -23.79 -7.65 -15.56
C GLN A 367 -23.40 -9.08 -15.22
N ALA A 368 -22.82 -9.25 -14.03
CA ALA A 368 -22.44 -10.55 -13.52
C ALA A 368 -23.61 -11.20 -12.79
N GLU A 369 -23.80 -12.49 -13.03
CA GLU A 369 -24.81 -13.28 -12.33
C GLU A 369 -24.22 -14.64 -12.01
N PRO A 370 -24.59 -15.22 -10.87
CA PRO A 370 -24.02 -16.52 -10.49
C PRO A 370 -24.73 -17.65 -11.21
N ASP A 371 -23.94 -18.61 -11.69
CA ASP A 371 -24.48 -19.85 -12.24
C ASP A 371 -24.45 -20.97 -11.22
N GLY A 372 -23.32 -21.15 -10.53
CA GLY A 372 -23.24 -22.12 -9.46
C GLY A 372 -23.65 -21.48 -8.14
N THR A 373 -24.53 -22.16 -7.42
CA THR A 373 -25.10 -21.62 -6.20
C THR A 373 -24.83 -22.48 -4.97
N GLU A 374 -24.27 -23.67 -5.14
CA GLU A 374 -24.16 -24.61 -4.04
C GLU A 374 -23.13 -24.16 -3.01
N GLU A 375 -21.92 -23.82 -3.48
CA GLU A 375 -20.92 -23.27 -2.59
C GLU A 375 -21.38 -21.95 -1.98
N ALA A 376 -22.17 -21.17 -2.73
CA ALA A 376 -22.76 -19.96 -2.16
C ALA A 376 -23.66 -20.31 -0.98
N ASP A 377 -24.56 -21.27 -1.17
CA ASP A 377 -25.45 -21.69 -0.10
C ASP A 377 -24.67 -22.18 1.11
N LYS A 378 -23.64 -23.01 0.90
CA LYS A 378 -22.95 -23.58 2.04
C LYS A 378 -22.09 -22.53 2.74
N SER A 379 -21.49 -21.61 1.98
CA SER A 379 -20.72 -20.55 2.62
C SER A 379 -21.62 -19.62 3.41
N ALA A 380 -22.84 -19.37 2.92
CA ALA A 380 -23.77 -18.55 3.69
C ALA A 380 -24.24 -19.28 4.94
N TYR A 381 -24.54 -20.57 4.82
CA TYR A 381 -24.95 -21.35 5.98
C TYR A 381 -23.86 -21.39 7.03
N LEU A 382 -22.60 -21.33 6.59
CA LEU A 382 -21.50 -21.26 7.56
C LEU A 382 -21.41 -19.87 8.16
N MET A 383 -21.40 -18.84 7.31
CA MET A 383 -21.11 -17.49 7.75
C MET A 383 -22.23 -16.90 8.60
N GLY A 384 -23.44 -17.44 8.51
CA GLY A 384 -24.56 -16.87 9.23
C GLY A 384 -25.28 -15.80 8.47
N LEU A 385 -25.30 -15.87 7.14
CA LEU A 385 -26.05 -14.98 6.30
C LEU A 385 -26.98 -15.79 5.41
N ASN A 386 -27.79 -15.08 4.63
CA ASN A 386 -28.65 -15.71 3.64
C ASN A 386 -27.91 -15.82 2.32
N SER A 387 -28.12 -16.93 1.61
CA SER A 387 -27.37 -17.16 0.38
C SER A 387 -27.82 -16.22 -0.72
N ALA A 388 -29.13 -16.14 -0.96
CA ALA A 388 -29.64 -15.20 -1.96
C ALA A 388 -29.23 -13.78 -1.61
N ASP A 389 -29.24 -13.43 -0.33
CA ASP A 389 -28.89 -12.08 0.07
C ASP A 389 -27.41 -11.78 -0.16
N LEU A 390 -26.54 -12.75 0.11
CA LEU A 390 -25.12 -12.53 -0.15
C LEU A 390 -24.84 -12.46 -1.65
N LEU A 391 -25.51 -13.29 -2.44
CA LEU A 391 -25.34 -13.22 -3.88
C LEU A 391 -25.82 -11.89 -4.43
N LYS A 392 -26.92 -11.37 -3.89
CA LYS A 392 -27.39 -10.06 -4.32
C LYS A 392 -26.44 -8.96 -3.90
N GLY A 393 -25.86 -9.08 -2.70
CA GLY A 393 -24.91 -8.08 -2.25
C GLY A 393 -23.60 -8.10 -3.02
N LEU A 394 -23.27 -9.24 -3.63
CA LEU A 394 -22.06 -9.28 -4.46
C LEU A 394 -22.35 -8.81 -5.88
N CYS A 395 -23.49 -9.17 -6.44
CA CYS A 395 -23.74 -8.78 -7.82
C CYS A 395 -24.21 -7.32 -7.94
N HIS A 396 -24.86 -6.77 -6.91
CA HIS A 396 -25.49 -5.46 -7.00
C HIS A 396 -25.22 -4.64 -5.74
N PRO A 397 -24.03 -4.10 -5.59
CA PRO A 397 -23.78 -3.22 -4.45
C PRO A 397 -24.67 -1.99 -4.51
N ARG A 398 -24.97 -1.43 -3.35
CA ARG A 398 -25.71 -0.18 -3.26
C ARG A 398 -24.82 0.86 -2.61
N VAL A 399 -24.74 2.03 -3.24
CA VAL A 399 -23.88 3.11 -2.79
C VAL A 399 -24.75 4.32 -2.46
N LYS A 400 -24.23 5.20 -1.62
CA LYS A 400 -24.98 6.35 -1.11
C LYS A 400 -24.64 7.60 -1.91
N VAL A 401 -25.65 8.16 -2.58
CA VAL A 401 -25.51 9.40 -3.33
C VAL A 401 -26.34 10.46 -2.63
N GLY A 402 -25.67 11.27 -1.80
CA GLY A 402 -26.34 12.33 -1.04
C GLY A 402 -27.28 11.76 -0.01
N ASN A 403 -28.60 11.82 -0.27
CA ASN A 403 -29.62 11.28 0.67
C ASN A 403 -30.43 10.20 -0.05
N GLU A 404 -29.76 9.33 -0.81
CA GLU A 404 -30.44 8.24 -1.55
C GLU A 404 -29.42 7.13 -1.90
N TYR A 405 -29.90 5.91 -2.09
CA TYR A 405 -29.07 4.78 -2.44
C TYR A 405 -29.39 4.34 -3.87
N VAL A 406 -28.36 4.20 -4.69
CA VAL A 406 -28.51 3.70 -6.04
C VAL A 406 -27.61 2.48 -6.21
N THR A 407 -28.09 1.52 -7.00
CA THR A 407 -27.38 0.26 -7.18
C THR A 407 -26.28 0.40 -8.22
N LYS A 408 -25.10 -0.10 -7.88
CA LYS A 408 -23.94 -0.09 -8.75
C LYS A 408 -23.86 -1.39 -9.53
N GLY A 409 -23.36 -1.31 -10.76
CA GLY A 409 -23.20 -2.47 -11.60
C GLY A 409 -21.82 -3.10 -11.47
N GLN A 410 -21.75 -4.41 -11.67
CA GLN A 410 -20.49 -5.13 -11.59
C GLN A 410 -20.41 -6.16 -12.71
N ASN A 411 -19.20 -6.41 -13.18
CA ASN A 411 -18.90 -7.50 -14.09
C ASN A 411 -18.08 -8.55 -13.34
N VAL A 412 -17.64 -9.57 -14.07
CA VAL A 412 -17.00 -10.72 -13.43
C VAL A 412 -15.69 -10.33 -12.78
N GLN A 413 -14.87 -9.56 -13.47
CA GLN A 413 -13.60 -9.14 -12.87
C GLN A 413 -13.83 -8.35 -11.60
N GLN A 414 -14.80 -7.44 -11.62
CA GLN A 414 -15.04 -6.60 -10.44
C GLN A 414 -15.54 -7.44 -9.27
N VAL A 415 -16.47 -8.36 -9.53
CA VAL A 415 -16.99 -9.16 -8.43
C VAL A 415 -15.92 -10.10 -7.89
N ILE A 416 -15.00 -10.56 -8.74
CA ILE A 416 -13.93 -11.43 -8.27
C ILE A 416 -12.95 -10.65 -7.41
N TYR A 417 -12.59 -9.43 -7.83
CA TYR A 417 -11.73 -8.60 -7.00
C TYR A 417 -12.39 -8.31 -5.66
N ALA A 418 -13.70 -8.08 -5.67
CA ALA A 418 -14.41 -7.82 -4.42
C ALA A 418 -14.38 -9.03 -3.52
N THR A 419 -14.58 -10.23 -4.08
CA THR A 419 -14.55 -11.45 -3.28
C THR A 419 -13.18 -11.64 -2.64
N GLY A 420 -12.12 -11.46 -3.43
CA GLY A 420 -10.78 -11.59 -2.90
C GLY A 420 -10.50 -10.59 -1.78
N ALA A 421 -10.93 -9.34 -1.97
CA ALA A 421 -10.70 -8.33 -0.95
C ALA A 421 -11.51 -8.64 0.30
N LEU A 422 -12.71 -9.17 0.15
CA LEU A 422 -13.51 -9.56 1.31
C LEU A 422 -12.83 -10.66 2.10
N ALA A 423 -12.32 -11.68 1.41
CA ALA A 423 -11.63 -12.77 2.10
C ALA A 423 -10.40 -12.27 2.82
N LYS A 424 -9.55 -11.49 2.13
CA LYS A 424 -8.38 -10.95 2.80
C LYS A 424 -8.77 -10.13 4.02
N ALA A 425 -9.84 -9.35 3.90
CA ALA A 425 -10.25 -8.50 5.00
C ALA A 425 -10.70 -9.32 6.20
N VAL A 426 -11.57 -10.31 5.97
CA VAL A 426 -12.08 -11.09 7.10
C VAL A 426 -10.97 -11.88 7.76
N TYR A 427 -10.03 -12.40 6.96
CA TYR A 427 -8.90 -13.11 7.55
C TYR A 427 -8.07 -12.20 8.43
N GLU A 428 -7.66 -11.05 7.89
CA GLU A 428 -6.85 -10.12 8.66
C GLU A 428 -7.59 -9.63 9.90
N ARG A 429 -8.91 -9.46 9.80
CA ARG A 429 -9.70 -9.02 10.94
C ARG A 429 -9.69 -10.05 12.05
N MET A 430 -10.00 -11.31 11.70
CA MET A 430 -9.93 -12.39 12.67
C MET A 430 -8.55 -12.49 13.29
N PHE A 431 -7.50 -12.29 12.50
CA PHE A 431 -6.15 -12.35 13.02
C PHE A 431 -5.90 -11.27 14.08
N ASN A 432 -6.23 -10.02 13.75
CA ASN A 432 -5.99 -8.94 14.69
C ASN A 432 -6.79 -9.16 15.97
N TRP A 433 -8.02 -9.65 15.85
CA TRP A 433 -8.83 -9.87 17.03
C TRP A 433 -8.30 -11.03 17.87
N MET A 434 -7.75 -12.05 17.21
CA MET A 434 -7.10 -13.13 17.93
C MET A 434 -5.92 -12.61 18.73
N VAL A 435 -5.15 -11.70 18.15
CA VAL A 435 -4.04 -11.12 18.89
C VAL A 435 -4.55 -10.31 20.07
N THR A 436 -5.67 -9.60 19.90
CA THR A 436 -6.25 -8.89 21.03
C THR A 436 -6.65 -9.84 22.14
N ARG A 437 -7.24 -10.98 21.78
CA ARG A 437 -7.61 -11.97 22.78
C ARG A 437 -6.39 -12.52 23.50
N ILE A 438 -5.32 -12.80 22.74
CA ILE A 438 -4.07 -13.25 23.35
C ILE A 438 -3.56 -12.25 24.36
N ASN A 439 -3.55 -10.97 23.98
CA ASN A 439 -3.06 -9.95 24.89
C ASN A 439 -3.94 -9.81 26.11
N ALA A 440 -5.26 -10.03 25.94
CA ALA A 440 -6.16 -9.97 27.09
C ALA A 440 -5.87 -11.11 28.06
N THR A 441 -5.63 -12.31 27.53
CA THR A 441 -5.22 -13.43 28.38
C THR A 441 -3.95 -13.08 29.14
N LEU A 442 -2.95 -12.56 28.43
CA LEU A 442 -1.67 -12.23 29.06
C LEU A 442 -1.81 -11.10 30.08
N GLU A 443 -2.83 -10.27 29.94
CA GLU A 443 -2.86 -8.99 30.64
C GLU A 443 -2.86 -9.16 32.16
N THR A 444 -1.96 -8.44 32.82
CA THR A 444 -1.89 -8.37 34.27
C THR A 444 -2.18 -6.94 34.71
N LYS A 445 -2.85 -6.81 35.86
CA LYS A 445 -3.33 -5.51 36.32
C LYS A 445 -2.23 -4.65 36.91
N GLN A 446 -1.01 -5.15 37.03
CA GLN A 446 0.07 -4.35 37.58
C GLN A 446 0.28 -3.11 36.73
N PRO A 447 0.57 -1.96 37.35
CA PRO A 447 0.85 -0.76 36.56
C PRO A 447 2.02 -0.97 35.62
N ARG A 448 1.87 -0.48 34.39
CA ARG A 448 2.83 -0.69 33.32
C ARG A 448 3.48 0.65 32.97
N GLN A 449 4.74 0.82 33.34
CA GLN A 449 5.54 1.97 32.97
C GLN A 449 6.33 1.66 31.70
N TYR A 450 7.37 2.46 31.43
CA TYR A 450 8.19 2.34 30.23
C TYR A 450 8.50 0.89 29.90
N PHE A 451 8.48 0.57 28.61
CA PHE A 451 8.68 -0.78 28.12
C PHE A 451 9.95 -0.85 27.29
N ILE A 452 10.36 -2.08 26.99
CA ILE A 452 11.46 -2.35 26.07
C ILE A 452 10.97 -3.39 25.08
N GLY A 453 10.72 -2.97 23.85
CA GLY A 453 10.13 -3.84 22.86
C GLY A 453 11.16 -4.64 22.08
N VAL A 454 10.75 -5.83 21.66
CA VAL A 454 11.55 -6.69 20.79
C VAL A 454 10.76 -6.95 19.52
N LEU A 455 11.42 -6.83 18.37
CA LEU A 455 10.75 -6.79 17.08
C LEU A 455 11.22 -7.94 16.21
N ASP A 456 10.26 -8.65 15.61
CA ASP A 456 10.54 -9.75 14.70
C ASP A 456 9.90 -9.42 13.36
N ILE A 457 10.73 -9.30 12.32
CA ILE A 457 10.29 -8.80 11.02
C ILE A 457 10.87 -9.67 9.93
N ALA A 458 10.26 -9.62 8.75
CA ALA A 458 10.77 -10.35 7.60
C ALA A 458 12.11 -9.75 7.16
N GLY A 459 12.83 -10.52 6.34
CA GLY A 459 14.16 -10.15 5.92
C GLY A 459 14.20 -9.59 4.49
N PHE A 460 15.34 -9.00 4.16
CA PHE A 460 15.51 -8.39 2.86
C PHE A 460 15.64 -9.46 1.79
N GLU A 461 14.55 -10.20 1.55
CA GLU A 461 14.64 -11.39 0.74
C GLU A 461 14.93 -11.06 -0.71
N ILE A 462 15.85 -11.82 -1.30
CA ILE A 462 16.18 -11.75 -2.71
C ILE A 462 15.93 -13.11 -3.31
N PHE A 463 15.48 -13.14 -4.56
CA PHE A 463 15.25 -14.37 -5.28
C PHE A 463 15.65 -14.12 -6.73
N ASP A 464 15.20 -15.00 -7.62
CA ASP A 464 15.31 -14.78 -9.06
C ASP A 464 13.99 -14.42 -9.71
N PHE A 465 12.88 -14.48 -8.98
CA PHE A 465 11.57 -14.07 -9.44
C PHE A 465 10.89 -13.20 -8.39
N ASN A 466 11.61 -12.17 -7.94
CA ASN A 466 11.03 -11.18 -7.04
C ASN A 466 9.73 -10.64 -7.62
N SER A 467 8.81 -10.28 -6.73
CA SER A 467 7.48 -9.85 -7.16
C SER A 467 7.02 -8.72 -6.27
N PHE A 468 5.72 -8.45 -6.32
CA PHE A 468 5.14 -7.32 -5.59
C PHE A 468 5.36 -7.47 -4.09
N GLU A 469 5.14 -8.67 -3.56
CA GLU A 469 5.29 -8.89 -2.12
C GLU A 469 6.72 -8.67 -1.69
N GLN A 470 7.67 -9.17 -2.48
CA GLN A 470 9.07 -8.96 -2.15
C GLN A 470 9.44 -7.49 -2.24
N LEU A 471 8.82 -6.75 -3.16
CA LEU A 471 9.04 -5.32 -3.21
C LEU A 471 8.54 -4.65 -1.94
N CYS A 472 7.38 -5.06 -1.45
CA CYS A 472 6.85 -4.50 -0.21
C CYS A 472 7.79 -4.80 0.96
N ILE A 473 8.25 -6.05 1.03
CA ILE A 473 9.17 -6.45 2.11
C ILE A 473 10.43 -5.61 2.06
N ASN A 474 11.02 -5.46 0.86
CA ASN A 474 12.25 -4.71 0.74
C ASN A 474 12.04 -3.24 1.04
N PHE A 475 10.85 -2.70 0.73
CA PHE A 475 10.56 -1.33 1.08
C PHE A 475 10.53 -1.15 2.59
N THR A 476 9.91 -2.09 3.29
CA THR A 476 9.91 -2.05 4.75
C THR A 476 11.34 -2.08 5.29
N ASN A 477 12.14 -3.03 4.79
CA ASN A 477 13.51 -3.15 5.27
C ASN A 477 14.34 -1.95 4.90
N GLU A 478 14.01 -1.27 3.81
CA GLU A 478 14.65 0.00 3.50
C GLU A 478 14.35 1.05 4.55
N LYS A 479 13.09 1.17 4.94
CA LYS A 479 12.77 2.13 6.00
C LYS A 479 13.54 1.79 7.27
N LEU A 480 13.59 0.51 7.62
CA LEU A 480 14.31 0.10 8.84
C LEU A 480 15.80 0.43 8.75
N GLN A 481 16.43 0.09 7.63
CA GLN A 481 17.87 0.31 7.49
C GLN A 481 18.19 1.80 7.49
N GLN A 482 17.37 2.61 6.84
CA GLN A 482 17.58 4.05 6.88
C GLN A 482 17.42 4.58 8.31
N PHE A 483 16.46 4.02 9.05
CA PHE A 483 16.28 4.42 10.44
C PHE A 483 17.52 4.11 11.26
N PHE A 484 18.04 2.89 11.15
CA PHE A 484 19.25 2.54 11.88
C PHE A 484 20.42 3.41 11.45
N ASN A 485 20.51 3.70 10.16
CA ASN A 485 21.63 4.49 9.66
C ASN A 485 21.60 5.89 10.25
N HIS A 486 20.42 6.51 10.30
CA HIS A 486 20.32 7.82 10.94
C HIS A 486 20.61 7.72 12.43
N HIS A 487 20.17 6.65 13.07
CA HIS A 487 20.46 6.44 14.48
C HIS A 487 21.96 6.41 14.73
N MET A 488 22.69 5.60 13.95
CA MET A 488 24.13 5.53 14.06
C MET A 488 24.79 6.86 13.72
N PHE A 489 24.19 7.63 12.80
CA PHE A 489 24.72 8.96 12.52
C PHE A 489 24.68 9.83 13.77
N VAL A 490 23.53 9.86 14.44
CA VAL A 490 23.42 10.69 15.64
C VAL A 490 24.34 10.15 16.74
N LEU A 491 24.52 8.83 16.79
CA LEU A 491 25.45 8.25 17.76
C LEU A 491 26.89 8.67 17.49
N GLU A 492 27.29 8.72 16.22
CA GLU A 492 28.64 9.16 15.90
C GLU A 492 28.81 10.65 16.18
N GLN A 493 27.76 11.44 15.92
CA GLN A 493 27.80 12.84 16.32
C GLN A 493 27.92 12.97 17.83
N GLU A 494 27.31 12.06 18.58
CA GLU A 494 27.46 12.06 20.03
C GLU A 494 28.89 11.75 20.45
N GLU A 495 29.48 10.72 19.83
CA GLU A 495 30.89 10.42 20.09
C GLU A 495 31.77 11.64 19.80
N TYR A 496 31.51 12.32 18.69
CA TYR A 496 32.33 13.46 18.30
C TYR A 496 32.15 14.65 19.25
N LYS A 497 30.91 14.93 19.63
CA LYS A 497 30.67 16.05 20.55
C LYS A 497 31.19 15.74 21.94
N LYS A 498 31.32 14.45 22.29
CA LYS A 498 32.02 14.09 23.53
C LYS A 498 33.52 14.34 23.38
N GLU A 499 34.12 13.82 22.30
CA GLU A 499 35.55 13.94 22.11
C GLU A 499 35.98 15.37 21.79
N GLY A 500 35.03 16.28 21.58
CA GLY A 500 35.38 17.64 21.25
C GLY A 500 35.98 17.80 19.88
N ILE A 501 35.77 16.84 19.00
CA ILE A 501 36.31 16.87 17.64
C ILE A 501 35.13 16.67 16.70
N GLU A 502 34.72 17.74 16.02
CA GLU A 502 33.46 17.77 15.29
C GLU A 502 33.71 18.15 13.83
N TRP A 503 33.50 17.20 12.93
CA TRP A 503 33.73 17.39 11.50
C TRP A 503 32.73 16.54 10.73
N THR A 504 32.68 16.74 9.41
CA THR A 504 31.89 15.92 8.49
C THR A 504 30.41 15.91 8.88
N PHE A 505 29.79 17.09 8.81
CA PHE A 505 28.44 17.31 9.31
C PHE A 505 27.34 16.84 8.36
N ILE A 506 27.65 15.96 7.40
CA ILE A 506 26.61 15.39 6.54
C ILE A 506 26.00 14.18 7.23
N ASP A 507 24.69 14.02 7.12
CA ASP A 507 24.02 12.88 7.70
C ASP A 507 24.19 11.65 6.81
N PHE A 508 23.88 10.49 7.38
CA PHE A 508 24.06 9.21 6.72
C PHE A 508 22.76 8.58 6.27
N GLY A 509 21.66 9.32 6.28
CA GLY A 509 20.37 8.75 5.95
C GLY A 509 19.90 9.03 4.54
N MET A 510 20.15 10.24 4.05
CA MET A 510 19.61 10.66 2.77
C MET A 510 20.13 9.80 1.63
N ASP A 511 21.38 9.34 1.73
CA ASP A 511 21.96 8.49 0.70
C ASP A 511 21.13 7.24 0.48
N LEU A 512 20.36 6.83 1.48
CA LEU A 512 19.42 5.74 1.33
C LEU A 512 17.99 6.22 1.06
N GLN A 513 17.61 7.37 1.62
CA GLN A 513 16.28 7.92 1.37
C GLN A 513 16.05 8.12 -0.13
N ALA A 514 17.11 8.45 -0.87
CA ALA A 514 16.97 8.63 -2.31
C ALA A 514 16.36 7.39 -2.97
N CYS A 515 16.60 6.20 -2.41
CA CYS A 515 15.93 5.02 -2.94
C CYS A 515 14.51 4.89 -2.44
N ILE A 516 14.20 5.39 -1.24
CA ILE A 516 12.83 5.35 -0.75
C ILE A 516 11.94 6.21 -1.64
N ASP A 517 12.43 7.38 -2.03
CA ASP A 517 11.65 8.30 -2.86
C ASP A 517 11.21 7.68 -4.17
N LEU A 518 11.73 6.52 -4.53
CA LEU A 518 11.36 5.83 -5.75
C LEU A 518 10.24 4.82 -5.53
N ILE A 519 9.72 4.73 -4.31
CA ILE A 519 8.62 3.82 -4.00
C ILE A 519 7.41 4.59 -3.49
N GLU A 520 7.60 5.42 -2.47
CA GLU A 520 6.47 6.06 -1.82
C GLU A 520 6.07 7.38 -2.45
N LYS A 521 7.02 8.16 -2.96
CA LYS A 521 6.73 9.51 -3.38
C LYS A 521 5.79 9.52 -4.57
N PRO A 522 5.04 10.60 -4.75
CA PRO A 522 4.16 10.70 -5.92
C PRO A 522 4.97 10.59 -7.21
N MET A 523 4.37 9.90 -8.18
CA MET A 523 5.02 9.46 -9.41
C MET A 523 6.07 8.39 -9.17
N GLY A 524 6.22 7.92 -7.93
CA GLY A 524 7.01 6.75 -7.64
C GLY A 524 6.29 5.48 -8.06
N ILE A 525 6.93 4.35 -7.78
CA ILE A 525 6.43 3.08 -8.29
C ILE A 525 5.06 2.76 -7.71
N MET A 526 4.88 2.98 -6.41
CA MET A 526 3.59 2.67 -5.80
C MET A 526 2.49 3.59 -6.31
N SER A 527 2.80 4.88 -6.48
CA SER A 527 1.78 5.79 -6.99
C SER A 527 1.41 5.46 -8.42
N ILE A 528 2.39 5.10 -9.24
CA ILE A 528 2.10 4.70 -10.61
C ILE A 528 1.26 3.44 -10.63
N LEU A 529 1.54 2.51 -9.71
CA LEU A 529 0.76 1.29 -9.67
C LEU A 529 -0.68 1.56 -9.27
N GLU A 530 -0.89 2.43 -8.27
CA GLU A 530 -2.24 2.80 -7.86
C GLU A 530 -2.99 3.46 -9.02
N GLU A 531 -2.35 4.44 -9.66
CA GLU A 531 -2.97 5.09 -10.80
C GLU A 531 -3.31 4.09 -11.88
N GLU A 532 -2.43 3.11 -12.11
CA GLU A 532 -2.67 2.18 -13.19
C GLU A 532 -3.81 1.23 -12.87
N CYS A 533 -3.94 0.81 -11.62
CA CYS A 533 -5.10 -0.02 -11.31
C CYS A 533 -6.37 0.80 -11.16
N MET A 534 -6.27 2.13 -11.18
CA MET A 534 -7.45 2.97 -11.28
C MET A 534 -7.86 3.26 -12.72
N PHE A 535 -6.91 3.34 -13.64
CA PHE A 535 -7.20 3.68 -15.03
C PHE A 535 -8.08 2.63 -15.69
N PRO A 536 -8.83 3.00 -16.74
CA PRO A 536 -9.77 2.04 -17.35
C PRO A 536 -9.22 0.73 -17.88
N LYS A 537 -8.34 0.75 -18.87
CA LYS A 537 -7.96 -0.47 -19.56
C LYS A 537 -6.47 -0.77 -19.39
N ALA A 538 -5.95 -0.57 -18.18
CA ALA A 538 -4.52 -0.67 -17.98
C ALA A 538 -4.07 -2.13 -18.05
N THR A 539 -2.83 -2.32 -18.50
CA THR A 539 -2.24 -3.64 -18.67
C THR A 539 -0.81 -3.57 -18.14
N ASP A 540 -0.18 -4.73 -18.00
CA ASP A 540 1.16 -4.79 -17.45
C ASP A 540 2.17 -4.09 -18.37
N MET A 541 1.99 -4.23 -19.68
CA MET A 541 2.90 -3.54 -20.59
C MET A 541 2.78 -2.04 -20.46
N THR A 542 1.56 -1.54 -20.29
CA THR A 542 1.36 -0.11 -20.08
C THR A 542 1.96 0.35 -18.76
N PHE A 543 1.81 -0.47 -17.72
CA PHE A 543 2.46 -0.18 -16.45
C PHE A 543 3.96 -0.05 -16.62
N LYS A 544 4.58 -1.00 -17.32
CA LYS A 544 6.01 -0.95 -17.55
C LYS A 544 6.39 0.29 -18.35
N ALA A 545 5.61 0.60 -19.39
CA ALA A 545 5.90 1.77 -20.20
C ALA A 545 5.84 3.05 -19.38
N LYS A 546 4.88 3.15 -18.47
CA LYS A 546 4.78 4.36 -17.64
C LYS A 546 5.94 4.43 -16.67
N LEU A 547 6.30 3.30 -16.04
CA LEU A 547 7.48 3.28 -15.18
C LEU A 547 8.69 3.81 -15.91
N PHE A 548 8.93 3.30 -17.12
CA PHE A 548 10.12 3.71 -17.86
C PHE A 548 10.03 5.17 -18.28
N ASP A 549 8.91 5.56 -18.89
CA ASP A 549 8.74 6.93 -19.35
C ASP A 549 8.92 7.93 -18.22
N ASN A 550 8.60 7.54 -17.00
CA ASN A 550 8.60 8.50 -15.91
C ASN A 550 9.82 8.39 -15.01
N HIS A 551 10.64 7.34 -15.16
CA HIS A 551 11.81 7.26 -14.28
C HIS A 551 13.14 7.03 -15.01
N LEU A 552 13.11 6.35 -16.14
CA LEU A 552 14.34 5.88 -16.78
C LEU A 552 15.27 7.05 -17.08
N GLY A 553 16.46 7.02 -16.47
CA GLY A 553 17.45 8.04 -16.72
C GLY A 553 17.21 9.29 -15.90
N LYS A 554 15.96 9.73 -15.81
CA LYS A 554 15.61 10.89 -15.02
C LYS A 554 15.82 10.64 -13.54
N SER A 555 15.86 9.39 -13.12
CA SER A 555 16.13 8.99 -11.74
C SER A 555 17.60 8.60 -11.61
N ALA A 556 17.97 8.17 -10.40
CA ALA A 556 19.34 7.75 -10.15
C ALA A 556 19.49 6.25 -9.90
N ASN A 557 18.51 5.63 -9.22
CA ASN A 557 18.59 4.22 -8.87
C ASN A 557 17.79 3.32 -9.80
N PHE A 558 16.71 3.83 -10.39
CA PHE A 558 15.94 3.03 -11.33
C PHE A 558 16.75 2.82 -12.60
N GLN A 559 16.75 1.60 -13.10
CA GLN A 559 17.55 1.29 -14.27
C GLN A 559 17.08 -0.02 -14.90
N LYS A 560 17.64 -0.32 -16.07
CA LYS A 560 17.24 -1.47 -16.85
C LYS A 560 17.40 -2.76 -16.06
N PRO A 561 16.75 -3.84 -16.48
CA PRO A 561 16.99 -5.15 -15.88
C PRO A 561 18.29 -5.74 -16.43
N ARG A 562 18.62 -6.93 -15.94
CA ARG A 562 19.76 -7.68 -16.43
C ARG A 562 19.37 -9.13 -16.62
N ASN A 563 19.83 -9.73 -17.71
CA ASN A 563 19.56 -11.12 -18.02
C ASN A 563 20.87 -11.89 -17.87
N ILE A 564 20.98 -12.69 -16.81
CA ILE A 564 22.19 -13.42 -16.51
C ILE A 564 21.84 -14.91 -16.40
N LYS A 565 22.74 -15.75 -16.92
CA LYS A 565 22.66 -17.21 -16.85
C LYS A 565 21.27 -17.73 -17.22
N GLY A 566 20.58 -17.01 -18.10
CA GLY A 566 19.25 -17.42 -18.51
C GLY A 566 18.23 -17.41 -17.41
N LYS A 567 18.25 -16.37 -16.56
CA LYS A 567 17.24 -16.22 -15.53
C LYS A 567 15.85 -16.17 -16.14
N PRO A 568 14.80 -16.41 -15.33
CA PRO A 568 13.45 -16.46 -15.90
C PRO A 568 13.05 -15.21 -16.66
N GLU A 569 13.02 -14.05 -15.98
CA GLU A 569 12.56 -12.81 -16.58
C GLU A 569 12.75 -11.69 -15.58
N ALA A 570 12.91 -10.48 -16.09
CA ALA A 570 12.94 -9.28 -15.27
C ALA A 570 12.54 -8.10 -16.13
N HIS A 571 11.70 -7.23 -15.57
CA HIS A 571 11.19 -6.09 -16.32
C HIS A 571 11.87 -4.78 -15.95
N PHE A 572 12.31 -4.63 -14.70
CA PHE A 572 13.12 -3.48 -14.34
C PHE A 572 13.92 -3.86 -13.11
N SER A 573 14.91 -3.03 -12.79
CA SER A 573 15.77 -3.28 -11.66
C SER A 573 15.92 -2.01 -10.84
N LEU A 574 15.72 -2.14 -9.54
CA LEU A 574 16.07 -1.14 -8.55
C LEU A 574 17.37 -1.55 -7.89
N ILE A 575 18.04 -0.58 -7.27
CA ILE A 575 19.18 -0.86 -6.41
C ILE A 575 18.78 -0.48 -5.00
N HIS A 576 19.10 -1.35 -4.06
CA HIS A 576 18.87 -1.09 -2.65
C HIS A 576 20.20 -1.08 -1.92
N TYR A 577 20.15 -1.01 -0.59
CA TYR A 577 21.37 -1.18 0.19
C TYR A 577 21.90 -2.61 0.05
N ALA A 578 21.02 -3.59 -0.12
CA ALA A 578 21.41 -4.99 -0.16
C ALA A 578 21.70 -5.48 -1.56
N GLY A 579 21.87 -4.60 -2.53
CA GLY A 579 22.28 -4.96 -3.86
C GLY A 579 21.24 -4.58 -4.89
N ILE A 580 21.58 -4.87 -6.15
CA ILE A 580 20.68 -4.65 -7.26
C ILE A 580 19.65 -5.77 -7.29
N VAL A 581 18.37 -5.41 -7.29
CA VAL A 581 17.28 -6.38 -7.31
C VAL A 581 16.49 -6.17 -8.58
N ASP A 582 16.21 -7.26 -9.29
CA ASP A 582 15.40 -7.22 -10.49
C ASP A 582 14.00 -7.72 -10.15
N TYR A 583 13.00 -6.91 -10.48
CA TYR A 583 11.62 -7.19 -10.13
C TYR A 583 10.82 -7.52 -11.38
N ASN A 584 9.77 -8.30 -11.19
CA ASN A 584 8.89 -8.71 -12.28
C ASN A 584 7.54 -8.02 -12.17
N ILE A 585 6.98 -7.62 -13.30
CA ILE A 585 5.75 -6.83 -13.29
C ILE A 585 4.52 -7.73 -13.28
N ILE A 586 4.55 -8.83 -14.01
CA ILE A 586 3.35 -9.61 -14.34
C ILE A 586 2.51 -9.91 -13.10
N GLY A 587 1.27 -9.43 -13.10
CA GLY A 587 0.31 -9.71 -12.05
C GLY A 587 0.09 -8.61 -11.03
N TRP A 588 0.89 -7.56 -11.06
CA TRP A 588 0.84 -6.55 -10.01
C TRP A 588 -0.50 -5.81 -10.00
N LEU A 589 -0.97 -5.39 -11.17
CA LEU A 589 -2.27 -4.72 -11.24
C LEU A 589 -3.37 -5.58 -10.64
N GLN A 590 -3.46 -6.83 -11.07
CA GLN A 590 -4.52 -7.69 -10.58
C GLN A 590 -4.39 -7.97 -9.09
N LYS A 591 -3.17 -8.03 -8.58
CA LYS A 591 -3.01 -8.41 -7.17
C LYS A 591 -3.04 -7.22 -6.22
N ASN A 592 -2.94 -6.00 -6.73
CA ASN A 592 -2.93 -4.84 -5.84
C ASN A 592 -4.34 -4.33 -5.52
N LYS A 593 -5.34 -4.73 -6.29
CA LYS A 593 -6.69 -4.22 -6.09
C LYS A 593 -7.28 -4.73 -4.79
N ASP A 594 -7.92 -3.84 -4.02
CA ASP A 594 -8.54 -4.19 -2.75
C ASP A 594 -9.89 -3.48 -2.62
N PRO A 595 -10.83 -3.75 -3.55
CA PRO A 595 -12.14 -3.11 -3.44
C PRO A 595 -13.03 -3.85 -2.45
N LEU A 596 -13.23 -3.24 -1.29
CA LEU A 596 -14.08 -3.84 -0.27
C LEU A 596 -15.55 -3.53 -0.54
N ASN A 597 -16.40 -4.53 -0.36
CA ASN A 597 -17.81 -4.43 -0.71
C ASN A 597 -18.61 -4.05 0.53
N GLU A 598 -19.16 -2.83 0.52
CA GLU A 598 -19.77 -2.26 1.71
C GLU A 598 -21.08 -2.94 2.07
N THR A 599 -21.85 -3.37 1.07
CA THR A 599 -23.10 -4.04 1.38
C THR A 599 -22.85 -5.37 2.07
N VAL A 600 -21.88 -6.14 1.57
CA VAL A 600 -21.57 -7.41 2.21
C VAL A 600 -20.93 -7.17 3.57
N VAL A 601 -20.20 -6.08 3.74
CA VAL A 601 -19.67 -5.78 5.07
C VAL A 601 -20.82 -5.49 6.04
N GLY A 602 -21.85 -4.80 5.58
CA GLY A 602 -23.02 -4.61 6.42
C GLY A 602 -23.71 -5.92 6.74
N LEU A 603 -23.80 -6.82 5.75
CA LEU A 603 -24.30 -8.16 6.01
C LEU A 603 -23.52 -8.83 7.11
N TYR A 604 -22.19 -8.73 7.09
CA TYR A 604 -21.38 -9.31 8.15
C TYR A 604 -21.70 -8.66 9.49
N GLN A 605 -21.86 -7.34 9.50
CA GLN A 605 -22.25 -6.67 10.74
C GLN A 605 -23.57 -7.21 11.26
N LYS A 606 -24.44 -7.70 10.38
CA LYS A 606 -25.73 -8.24 10.77
C LYS A 606 -25.74 -9.77 10.83
N SER A 607 -24.59 -10.38 11.11
CA SER A 607 -24.49 -11.83 11.12
C SER A 607 -25.10 -12.41 12.39
N SER A 608 -25.08 -13.75 12.48
CA SER A 608 -25.53 -14.47 13.66
C SER A 608 -24.37 -15.24 14.31
N LEU A 609 -23.18 -14.63 14.30
CA LEU A 609 -21.95 -15.31 14.72
C LEU A 609 -21.08 -14.37 15.54
N LYS A 610 -19.82 -14.76 15.72
CA LYS A 610 -18.80 -13.83 16.20
C LYS A 610 -18.33 -12.88 15.10
N LEU A 611 -18.61 -13.21 13.84
CA LEU A 611 -18.20 -12.39 12.71
C LEU A 611 -18.60 -10.93 12.87
N LEU A 612 -19.75 -10.69 13.50
CA LEU A 612 -20.23 -9.33 13.69
C LEU A 612 -19.32 -8.52 14.59
N SER A 613 -18.48 -9.17 15.40
CA SER A 613 -17.51 -8.43 16.18
C SER A 613 -16.30 -8.06 15.32
N THR A 614 -15.81 -8.99 14.52
CA THR A 614 -14.66 -8.70 13.68
C THR A 614 -14.97 -7.59 12.70
N LEU A 615 -16.15 -7.63 12.09
CA LEU A 615 -16.57 -6.61 11.13
C LEU A 615 -17.45 -5.57 11.79
N PHE A 616 -17.14 -5.21 13.05
CA PHE A 616 -18.04 -4.38 13.86
C PHE A 616 -18.50 -3.15 13.10
N ALA A 617 -17.59 -2.43 12.48
CA ALA A 617 -17.92 -1.27 11.67
C ALA A 617 -16.72 -0.99 10.78
N ASN A 618 -16.86 -1.20 9.47
CA ASN A 618 -15.77 -0.88 8.57
C ASN A 618 -16.32 -0.53 7.21
N TYR A 619 -15.51 0.20 6.45
CA TYR A 619 -15.90 0.69 5.15
C TYR A 619 -15.07 0.03 4.06
N GLY A 629 -17.62 15.89 4.06
CA GLY A 629 -18.26 16.60 5.15
C GLY A 629 -17.26 17.05 6.19
N LYS A 630 -17.22 18.36 6.44
CA LYS A 630 -16.32 19.00 7.39
C LYS A 630 -14.85 18.74 7.06
N GLY A 631 -14.59 18.12 5.91
CA GLY A 631 -13.25 17.72 5.56
C GLY A 631 -13.09 16.23 5.81
N LYS A 632 -13.24 15.44 4.76
CA LYS A 632 -13.23 14.00 4.91
C LYS A 632 -12.21 13.38 3.96
N ALA A 633 -11.32 12.59 4.54
CA ALA A 633 -10.34 11.82 3.78
C ALA A 633 -10.85 10.43 3.45
N LYS A 634 -12.17 10.25 3.39
CA LYS A 634 -12.74 8.93 3.16
C LYS A 634 -12.47 8.53 1.72
N LYS A 635 -11.41 7.76 1.50
CA LYS A 635 -11.20 7.17 0.19
C LYS A 635 -12.28 6.13 -0.06
N GLY A 636 -12.73 6.05 -1.30
CA GLY A 636 -13.82 5.18 -1.63
C GLY A 636 -13.50 3.73 -1.36
N SER A 637 -14.50 2.89 -1.57
CA SER A 637 -14.27 1.46 -1.45
C SER A 637 -13.47 0.94 -2.63
N SER A 638 -13.63 1.55 -3.80
CA SER A 638 -12.91 1.10 -4.98
C SER A 638 -11.50 1.64 -5.04
N PHE A 639 -11.26 2.81 -4.47
CA PHE A 639 -9.92 3.43 -4.52
C PHE A 639 -9.06 2.91 -3.38
N GLN A 640 -8.98 1.59 -3.27
CA GLN A 640 -8.24 0.94 -2.21
C GLN A 640 -7.15 0.08 -2.82
N THR A 641 -5.93 0.19 -2.30
CA THR A 641 -4.82 -0.58 -2.82
C THR A 641 -3.96 -1.11 -1.69
N VAL A 642 -3.57 -2.38 -1.83
CA VAL A 642 -2.71 -3.04 -0.86
C VAL A 642 -1.47 -2.20 -0.60
N SER A 643 -0.92 -1.60 -1.65
CA SER A 643 0.27 -0.77 -1.50
C SER A 643 -0.01 0.43 -0.63
N ALA A 644 -1.18 1.03 -0.76
CA ALA A 644 -1.49 2.22 0.04
C ALA A 644 -1.72 1.86 1.50
N LEU A 645 -2.48 0.80 1.75
CA LEU A 645 -2.65 0.34 3.13
C LEU A 645 -1.30 -0.01 3.75
N HIS A 646 -0.41 -0.61 2.95
CA HIS A 646 0.91 -0.98 3.45
C HIS A 646 1.74 0.25 3.78
N ARG A 647 1.68 1.27 2.93
CA ARG A 647 2.41 2.50 3.22
C ARG A 647 1.91 3.14 4.50
N GLU A 648 0.59 3.13 4.72
CA GLU A 648 0.05 3.68 5.96
C GLU A 648 0.54 2.91 7.17
N ASN A 649 0.48 1.57 7.10
CA ASN A 649 0.92 0.75 8.23
C ASN A 649 2.39 0.96 8.52
N LEU A 650 3.21 1.04 7.46
CA LEU A 650 4.64 1.29 7.67
C LEU A 650 4.86 2.65 8.30
N ASN A 651 4.09 3.64 7.90
CA ASN A 651 4.22 4.96 8.52
C ASN A 651 3.97 4.86 10.02
N LYS A 652 2.89 4.17 10.41
CA LYS A 652 2.58 4.13 11.84
C LYS A 652 3.55 3.26 12.63
N LEU A 653 4.09 2.21 12.01
CA LEU A 653 5.14 1.44 12.67
C LEU A 653 6.38 2.28 12.90
N MET A 654 6.78 3.08 11.90
CA MET A 654 7.89 4.00 12.11
C MET A 654 7.57 4.99 13.21
N THR A 655 6.34 5.49 13.28
CA THR A 655 5.99 6.40 14.35
C THR A 655 6.05 5.73 15.71
N ASN A 656 5.79 4.44 15.80
CA ASN A 656 5.94 3.77 17.09
C ASN A 656 7.39 3.51 17.45
N LEU A 657 8.24 3.22 16.46
CA LEU A 657 9.64 2.94 16.77
C LEU A 657 10.46 4.19 17.04
N ARG A 658 10.20 5.27 16.31
CA ARG A 658 11.06 6.44 16.35
C ARG A 658 11.00 7.18 17.68
N SER A 659 10.15 6.75 18.60
CA SER A 659 10.08 7.35 19.93
C SER A 659 10.92 6.59 20.96
N THR A 660 11.57 5.49 20.56
CA THR A 660 12.32 4.66 21.48
C THR A 660 13.77 4.55 21.01
N HIS A 661 14.70 4.55 21.96
CA HIS A 661 16.11 4.37 21.64
C HIS A 661 16.36 2.93 21.23
N PRO A 662 16.83 2.68 20.02
CA PRO A 662 16.82 1.31 19.48
C PRO A 662 18.11 0.55 19.72
N HIS A 663 17.98 -0.78 19.65
CA HIS A 663 19.13 -1.67 19.69
C HIS A 663 18.89 -2.81 18.71
N PHE A 664 19.99 -3.33 18.15
CA PHE A 664 19.93 -4.19 16.97
C PHE A 664 20.67 -5.49 17.21
N VAL A 665 20.04 -6.59 16.80
CA VAL A 665 20.57 -7.94 16.97
C VAL A 665 20.55 -8.64 15.63
N ARG A 666 21.70 -9.17 15.22
CA ARG A 666 21.85 -9.79 13.90
C ARG A 666 22.13 -11.28 14.07
N CYS A 667 21.28 -12.11 13.48
CA CYS A 667 21.40 -13.56 13.57
C CYS A 667 21.78 -14.12 12.20
N ILE A 668 22.83 -14.93 12.16
CA ILE A 668 23.34 -15.53 10.93
C ILE A 668 23.33 -17.04 11.07
N ILE A 669 22.84 -17.73 10.06
CA ILE A 669 23.02 -19.17 9.97
C ILE A 669 24.42 -19.46 9.43
N PRO A 670 25.17 -20.38 10.05
CA PRO A 670 26.54 -20.64 9.55
C PRO A 670 26.54 -21.51 8.31
N ASN A 671 25.61 -22.46 8.25
CA ASN A 671 25.52 -23.35 7.11
C ASN A 671 24.10 -23.90 7.03
N GLU A 672 23.70 -24.27 5.81
CA GLU A 672 22.36 -24.81 5.62
C GLU A 672 22.21 -26.18 6.26
N THR A 673 23.29 -26.94 6.34
CA THR A 673 23.24 -28.23 6.99
C THR A 673 23.31 -28.05 8.50
N LYS A 674 22.70 -28.99 9.22
CA LYS A 674 22.71 -28.91 10.67
C LYS A 674 24.07 -29.27 11.25
N SER A 675 25.02 -29.68 10.43
CA SER A 675 26.37 -29.96 10.88
C SER A 675 27.08 -28.66 11.25
N PRO A 676 27.55 -28.51 12.49
CA PRO A 676 28.26 -27.28 12.87
C PRO A 676 29.65 -27.20 12.27
N GLY A 677 30.37 -26.15 12.62
CA GLY A 677 31.76 -25.99 12.20
C GLY A 677 31.93 -25.61 10.75
N VAL A 678 31.52 -26.50 9.85
CA VAL A 678 31.61 -26.21 8.43
C VAL A 678 30.51 -25.22 8.05
N MET A 679 30.85 -24.26 7.21
CA MET A 679 29.97 -23.15 6.90
C MET A 679 29.73 -23.11 5.40
N ASP A 680 29.14 -22.01 4.94
CA ASP A 680 28.94 -21.76 3.51
C ASP A 680 29.18 -20.26 3.30
N ASN A 681 30.33 -19.93 2.71
CA ASN A 681 30.66 -18.53 2.43
C ASN A 681 29.61 -17.80 1.61
N PRO A 682 28.99 -18.37 0.58
CA PRO A 682 27.93 -17.62 -0.10
C PRO A 682 26.77 -17.28 0.81
N LEU A 683 26.37 -18.21 1.68
CA LEU A 683 25.28 -17.91 2.60
C LEU A 683 25.69 -16.84 3.60
N VAL A 684 26.95 -16.86 4.03
CA VAL A 684 27.41 -15.81 4.94
C VAL A 684 27.36 -14.45 4.26
N MET A 685 27.88 -14.36 3.02
CA MET A 685 27.82 -13.08 2.31
C MET A 685 26.39 -12.63 2.11
N HIS A 686 25.51 -13.56 1.76
CA HIS A 686 24.11 -13.20 1.55
C HIS A 686 23.51 -12.61 2.80
N GLN A 687 23.75 -13.24 3.95
CA GLN A 687 23.22 -12.70 5.19
C GLN A 687 23.82 -11.34 5.50
N LEU A 688 25.12 -11.18 5.28
CA LEU A 688 25.76 -9.90 5.59
C LEU A 688 25.18 -8.76 4.74
N ARG A 689 25.06 -8.99 3.44
CA ARG A 689 24.51 -7.96 2.55
C ARG A 689 23.06 -7.68 2.90
N CYS A 690 22.22 -8.71 2.93
CA CYS A 690 20.81 -8.49 3.18
C CYS A 690 20.54 -7.98 4.59
N ASN A 691 21.51 -8.08 5.49
CA ASN A 691 21.32 -7.63 6.86
C ASN A 691 21.78 -6.20 7.06
N GLY A 692 22.82 -5.77 6.34
CA GLY A 692 23.27 -4.40 6.48
C GLY A 692 24.41 -4.19 7.43
N VAL A 693 25.02 -5.27 7.93
CA VAL A 693 26.28 -5.13 8.65
C VAL A 693 27.33 -4.51 7.75
N LEU A 694 27.35 -4.93 6.48
CA LEU A 694 28.27 -4.34 5.52
C LEU A 694 27.97 -2.87 5.31
N GLU A 695 26.70 -2.49 5.32
CA GLU A 695 26.36 -1.08 5.19
C GLU A 695 26.80 -0.30 6.43
N GLY A 696 26.70 -0.90 7.61
CA GLY A 696 27.21 -0.25 8.80
C GLY A 696 28.71 0.01 8.72
N ILE A 697 29.47 -1.04 8.37
CA ILE A 697 30.92 -0.86 8.26
C ILE A 697 31.24 0.11 7.15
N ARG A 698 30.38 0.21 6.13
CA ARG A 698 30.65 1.15 5.05
C ARG A 698 30.39 2.58 5.49
N ILE A 699 29.34 2.82 6.27
CA ILE A 699 29.16 4.15 6.86
C ILE A 699 30.35 4.51 7.74
N CYS A 700 30.89 3.52 8.46
CA CYS A 700 32.10 3.77 9.24
C CYS A 700 33.28 4.12 8.34
N ARG A 701 33.40 3.45 7.19
CA ARG A 701 34.59 3.57 6.35
C ARG A 701 34.79 4.97 5.79
N LYS A 702 33.82 5.87 5.96
CA LYS A 702 34.00 7.23 5.47
C LYS A 702 34.63 8.15 6.51
N GLY A 703 34.60 7.79 7.79
CA GLY A 703 35.25 8.59 8.81
C GLY A 703 36.59 8.02 9.23
N PHE A 704 36.82 7.92 10.53
CA PHE A 704 38.01 7.25 11.06
C PHE A 704 37.54 6.09 11.93
N PRO A 705 37.56 4.87 11.43
CA PRO A 705 37.02 3.75 12.20
C PRO A 705 37.99 3.22 13.25
N ASN A 706 39.30 3.30 12.97
CA ASN A 706 40.32 2.88 13.92
C ASN A 706 40.56 4.04 14.90
N ARG A 707 40.12 3.85 16.13
CA ARG A 707 40.09 4.92 17.13
C ARG A 707 40.72 4.39 18.42
N ILE A 708 41.91 4.87 18.73
CA ILE A 708 42.69 4.37 19.86
C ILE A 708 43.24 5.54 20.66
N LEU A 709 43.36 5.34 21.97
CA LEU A 709 43.85 6.35 22.89
C LEU A 709 45.35 6.58 22.68
N TYR A 710 45.91 7.49 23.47
CA TYR A 710 47.32 7.85 23.34
C TYR A 710 48.24 6.95 24.15
N GLY A 711 47.79 6.44 25.29
CA GLY A 711 48.68 5.68 26.16
C GLY A 711 49.13 4.37 25.54
N ASP A 712 48.16 3.56 25.10
CA ASP A 712 48.52 2.30 24.45
C ASP A 712 49.20 2.56 23.12
N PHE A 713 48.82 3.64 22.44
CA PHE A 713 49.54 4.07 21.24
C PHE A 713 51.02 4.24 21.53
N ARG A 714 51.35 4.93 22.61
CA ARG A 714 52.75 5.08 23.01
C ARG A 714 53.36 3.71 23.32
N GLN A 715 52.74 2.96 24.24
CA GLN A 715 53.31 1.68 24.67
C GLN A 715 53.53 0.72 23.51
N ARG A 716 52.85 0.92 22.38
CA ARG A 716 53.03 0.03 21.24
C ARG A 716 53.87 0.61 20.11
N TYR A 717 54.07 1.94 20.07
CA TYR A 717 54.78 2.54 18.94
C TYR A 717 55.88 3.51 19.37
N ARG A 718 56.29 3.46 20.63
CA ARG A 718 57.33 4.37 21.10
C ARG A 718 58.73 3.94 20.70
N ILE A 719 58.93 2.64 20.45
CA ILE A 719 60.26 2.17 20.08
C ILE A 719 60.66 2.64 18.69
N LEU A 720 59.69 3.09 17.88
CA LEU A 720 60.02 3.70 16.60
C LEU A 720 60.84 4.96 16.79
N ASN A 721 60.48 5.79 17.75
CA ASN A 721 61.23 7.00 18.11
C ASN A 721 61.25 7.09 19.63
N PRO A 722 62.10 6.31 20.28
CA PRO A 722 62.07 6.27 21.75
C PRO A 722 62.62 7.54 22.37
N ALA A 723 61.93 8.00 23.42
CA ALA A 723 62.33 9.20 24.13
C ALA A 723 62.84 8.87 25.53
N SER A 733 51.86 15.11 26.33
CA SER A 733 51.72 13.88 25.55
C SER A 733 51.47 14.21 24.09
N ARG A 734 51.10 15.47 23.83
CA ARG A 734 50.88 15.90 22.46
C ARG A 734 52.20 16.19 21.76
N LYS A 735 53.20 16.68 22.50
CA LYS A 735 54.46 17.06 21.86
C LYS A 735 55.26 15.84 21.42
N GLY A 736 55.37 14.82 22.28
CA GLY A 736 56.08 13.61 21.88
C GLY A 736 55.34 12.82 20.82
N ALA A 737 54.02 12.71 20.95
CA ALA A 737 53.22 12.08 19.91
C ALA A 737 53.38 12.81 18.59
N GLU A 738 53.36 14.14 18.61
CA GLU A 738 53.49 14.90 17.37
C GLU A 738 54.88 14.76 16.77
N LYS A 739 55.92 14.73 17.61
CA LYS A 739 57.27 14.50 17.11
C LYS A 739 57.37 13.15 16.43
N LEU A 740 56.83 12.11 17.05
CA LEU A 740 56.84 10.79 16.44
C LEU A 740 56.05 10.77 15.14
N LEU A 741 54.92 11.46 15.10
CA LEU A 741 54.10 11.46 13.89
C LEU A 741 54.78 12.19 12.75
N SER A 742 55.38 13.34 13.03
CA SER A 742 56.13 14.04 11.99
C SER A 742 57.33 13.23 11.54
N SER A 743 57.95 12.47 12.45
CA SER A 743 59.04 11.58 12.10
C SER A 743 58.57 10.20 11.65
N LEU A 744 57.26 10.01 11.42
CA LEU A 744 56.73 8.82 10.80
C LEU A 744 56.12 9.09 9.42
N ASP A 745 56.30 10.30 8.90
CA ASP A 745 55.84 10.64 7.54
C ASP A 745 54.34 10.39 7.38
N ILE A 746 53.56 10.88 8.33
CA ILE A 746 52.10 10.78 8.27
C ILE A 746 51.54 12.11 7.80
N ASP A 747 50.62 12.07 6.85
CA ASP A 747 50.01 13.29 6.35
C ASP A 747 48.96 13.80 7.35
N HIS A 748 48.61 15.07 7.19
CA HIS A 748 47.68 15.69 8.13
C HIS A 748 46.29 15.10 8.01
N ASN A 749 45.73 15.10 6.80
CA ASN A 749 44.37 14.66 6.57
C ASN A 749 44.17 13.18 6.86
N GLN A 750 45.23 12.41 7.01
CA GLN A 750 45.11 10.97 7.22
C GLN A 750 44.80 10.61 8.67
N TYR A 751 45.16 11.47 9.62
CA TYR A 751 44.87 11.24 11.03
C TYR A 751 44.18 12.46 11.60
N LYS A 752 43.34 12.23 12.60
CA LYS A 752 42.63 13.31 13.28
C LYS A 752 43.06 13.31 14.73
N PHE A 753 43.64 14.43 15.18
CA PHE A 753 44.22 14.52 16.52
C PHE A 753 43.13 14.80 17.55
N GLY A 754 42.90 13.85 18.45
CA GLY A 754 41.94 13.99 19.52
C GLY A 754 42.63 14.24 20.86
N HIS A 755 41.81 14.53 21.86
CA HIS A 755 42.34 14.89 23.17
C HIS A 755 42.39 13.72 24.14
N THR A 756 41.68 12.63 23.87
CA THR A 756 41.89 11.39 24.60
C THR A 756 42.32 10.26 23.67
N LYS A 757 41.81 10.25 22.43
CA LYS A 757 42.20 9.28 21.42
C LYS A 757 42.51 10.01 20.12
N VAL A 758 43.56 9.57 19.44
CA VAL A 758 43.95 10.13 18.15
C VAL A 758 43.56 9.13 17.05
N PHE A 759 42.84 9.63 16.04
CA PHE A 759 42.10 8.79 15.11
C PHE A 759 42.94 8.50 13.86
N PHE A 760 42.98 7.22 13.48
CA PHE A 760 43.77 6.77 12.33
C PHE A 760 42.93 5.90 11.42
N LYS A 761 43.38 5.77 10.18
CA LYS A 761 42.69 4.98 9.16
C LYS A 761 43.44 3.67 8.88
N ALA A 762 42.89 2.93 7.92
CA ALA A 762 43.43 1.62 7.55
C ALA A 762 44.88 1.73 7.08
N GLY A 763 45.14 2.67 6.17
CA GLY A 763 46.50 2.83 5.66
C GLY A 763 47.48 3.23 6.75
N LEU A 764 47.05 4.08 7.67
CA LEU A 764 47.90 4.49 8.77
C LEU A 764 48.24 3.31 9.67
N LEU A 765 47.23 2.49 10.00
CA LEU A 765 47.51 1.29 10.79
C LEU A 765 48.47 0.36 10.06
N GLY A 766 48.28 0.17 8.76
CA GLY A 766 49.18 -0.71 8.01
C GLY A 766 50.60 -0.19 8.01
N LEU A 767 50.77 1.11 7.78
CA LEU A 767 52.12 1.68 7.73
C LEU A 767 52.80 1.64 9.09
N LEU A 768 52.06 1.94 10.16
CA LEU A 768 52.65 1.85 11.50
C LEU A 768 53.02 0.41 11.84
N GLU A 769 52.17 -0.55 11.45
CA GLU A 769 52.50 -1.96 11.62
C GLU A 769 53.78 -2.31 10.90
N GLU A 770 53.93 -1.84 9.64
CA GLU A 770 55.10 -2.19 8.87
C GLU A 770 56.37 -1.60 9.47
N MET A 771 56.31 -0.34 9.92
CA MET A 771 57.50 0.28 10.47
C MET A 771 57.84 -0.31 11.84
N ARG A 772 56.85 -0.74 12.61
CA ARG A 772 57.16 -1.55 13.81
C ARG A 772 57.85 -2.85 13.43
N ASP A 773 57.34 -3.54 12.40
CA ASP A 773 57.92 -4.82 12.02
C ASP A 773 59.38 -4.66 11.60
N GLU A 774 59.69 -3.60 10.85
CA GLU A 774 61.08 -3.37 10.49
C GLU A 774 61.89 -2.86 11.68
N ARG A 775 61.24 -2.19 12.63
CA ARG A 775 61.91 -1.80 13.86
C ARG A 775 62.37 -3.03 14.64
N LEU A 776 61.58 -4.11 14.59
CA LEU A 776 61.98 -5.37 15.21
C LEU A 776 62.84 -6.18 14.26
N THR B 1 -3.26 16.88 0.63
CA THR B 1 -4.44 17.63 0.24
C THR B 1 -5.31 16.84 -0.73
N THR B 2 -6.61 17.10 -0.70
CA THR B 2 -7.55 16.42 -1.56
C THR B 2 -8.33 17.42 -2.40
N ALA B 3 -8.82 16.96 -3.53
CA ALA B 3 -9.53 17.81 -4.47
C ALA B 3 -11.03 17.67 -4.30
N LEU B 4 -11.74 18.67 -4.80
CA LEU B 4 -13.19 18.73 -4.80
C LEU B 4 -13.68 18.53 -6.22
N VAL B 5 -14.61 17.60 -6.40
CA VAL B 5 -15.20 17.36 -7.71
C VAL B 5 -16.62 17.88 -7.67
N CYS B 6 -16.85 19.04 -8.26
CA CYS B 6 -18.16 19.67 -8.29
C CYS B 6 -18.68 19.64 -9.71
N ASP B 7 -19.59 18.71 -9.98
CA ASP B 7 -20.24 18.61 -11.28
C ASP B 7 -21.52 19.44 -11.23
N ASN B 8 -21.40 20.73 -11.54
CA ASN B 8 -22.49 21.65 -11.28
C ASN B 8 -23.71 21.36 -12.12
N GLY B 9 -23.56 20.63 -13.22
CA GLY B 9 -24.68 20.24 -14.04
C GLY B 9 -25.53 21.42 -14.44
N SER B 10 -26.80 21.14 -14.74
CA SER B 10 -27.76 22.20 -15.03
C SER B 10 -29.12 21.70 -14.57
N GLY B 11 -29.45 21.93 -13.31
CA GLY B 11 -30.60 21.31 -12.71
C GLY B 11 -30.31 20.36 -11.59
N LEU B 12 -29.05 20.03 -11.35
CA LEU B 12 -28.65 19.26 -10.18
C LEU B 12 -27.18 19.52 -9.91
N VAL B 13 -26.86 19.96 -8.72
CA VAL B 13 -25.47 20.11 -8.32
C VAL B 13 -25.04 18.85 -7.61
N LYS B 14 -23.88 18.33 -7.97
CA LYS B 14 -23.32 17.14 -7.36
C LYS B 14 -21.90 17.45 -6.95
N ALA B 15 -21.61 17.38 -5.67
CA ALA B 15 -20.29 17.70 -5.16
C ALA B 15 -19.81 16.60 -4.25
N GLY B 16 -18.53 16.67 -3.88
CA GLY B 16 -17.93 15.62 -3.09
C GLY B 16 -16.43 15.78 -3.12
N PHE B 17 -15.76 14.76 -2.63
CA PHE B 17 -14.30 14.74 -2.59
C PHE B 17 -13.77 13.75 -3.61
N ALA B 18 -12.62 14.08 -4.19
CA ALA B 18 -11.97 13.16 -5.11
C ALA B 18 -11.47 11.95 -4.36
N GLY B 19 -11.79 10.77 -4.86
CA GLY B 19 -11.48 9.55 -4.17
C GLY B 19 -12.67 8.88 -3.53
N ASP B 20 -13.84 9.48 -3.61
CA ASP B 20 -15.06 8.85 -3.13
C ASP B 20 -15.66 7.99 -4.21
N ASP B 21 -16.62 7.17 -3.81
CA ASP B 21 -17.34 6.34 -4.76
C ASP B 21 -18.62 7.00 -5.27
N ALA B 22 -18.99 8.14 -4.72
CA ALA B 22 -20.26 8.78 -5.05
C ALA B 22 -20.23 10.21 -4.52
N PRO B 23 -21.05 11.09 -5.09
CA PRO B 23 -21.11 12.45 -4.59
C PRO B 23 -21.68 12.50 -3.18
N ARG B 24 -21.18 13.42 -2.38
CA ARG B 24 -21.67 13.55 -1.02
C ARG B 24 -22.91 14.44 -0.97
N ALA B 25 -22.93 15.50 -1.76
CA ALA B 25 -24.02 16.48 -1.75
C ALA B 25 -24.68 16.48 -3.12
N VAL B 26 -25.97 16.20 -3.16
CA VAL B 26 -26.76 16.23 -4.39
C VAL B 26 -28.04 16.98 -4.10
N PHE B 27 -28.21 18.13 -4.74
CA PHE B 27 -29.37 18.97 -4.50
C PHE B 27 -29.67 19.74 -5.77
N PRO B 28 -30.89 20.24 -5.95
CA PRO B 28 -31.21 20.99 -7.16
C PRO B 28 -30.49 22.33 -7.18
N SER B 29 -30.11 22.76 -8.39
CA SER B 29 -29.45 24.04 -8.57
C SER B 29 -30.52 25.10 -8.77
N ILE B 30 -31.09 25.55 -7.66
CA ILE B 30 -32.25 26.42 -7.64
C ILE B 30 -32.01 27.52 -6.64
N VAL B 31 -32.41 28.74 -6.99
CA VAL B 31 -32.42 29.86 -6.06
C VAL B 31 -33.84 30.41 -6.01
N GLY B 32 -34.43 30.41 -4.83
CA GLY B 32 -35.80 30.87 -4.65
C GLY B 32 -35.83 32.19 -3.91
N ARG B 33 -36.76 33.05 -4.29
CA ARG B 33 -36.97 34.31 -3.60
C ARG B 33 -38.44 34.45 -3.26
N PRO B 34 -38.77 34.98 -2.10
CA PRO B 34 -40.18 35.07 -1.70
C PRO B 34 -40.91 36.08 -2.57
N ARG B 35 -42.14 35.75 -2.93
CA ARG B 35 -42.93 36.62 -3.79
C ARG B 35 -44.15 37.21 -3.11
N HIS B 36 -44.42 36.86 -1.87
CA HIS B 36 -45.48 37.47 -1.09
C HIS B 36 -44.87 38.44 -0.10
N GLN B 37 -45.71 39.06 0.74
CA GLN B 37 -45.23 40.23 1.46
C GLN B 37 -44.61 39.90 2.81
N GLY B 38 -45.26 39.09 3.62
CA GLY B 38 -44.65 38.72 4.89
C GLY B 38 -45.12 39.56 6.04
N VAL B 39 -45.96 39.00 6.89
CA VAL B 39 -46.66 39.75 7.93
C VAL B 39 -46.11 39.47 9.31
N MET B 40 -45.78 38.22 9.61
CA MET B 40 -45.22 37.89 10.91
C MET B 40 -43.94 38.68 11.12
N VAL B 41 -43.96 39.59 12.07
CA VAL B 41 -42.82 40.43 12.38
C VAL B 41 -42.02 39.73 13.45
N GLY B 42 -40.70 39.65 13.26
CA GLY B 42 -39.80 39.10 14.23
C GLY B 42 -39.23 37.75 13.84
N MET B 43 -39.93 37.02 12.98
CA MET B 43 -39.40 35.72 12.58
C MET B 43 -38.18 35.86 11.69
N GLY B 44 -37.91 37.05 11.17
CA GLY B 44 -36.69 37.31 10.44
C GLY B 44 -36.56 36.48 9.18
N GLN B 45 -37.41 36.75 8.19
CA GLN B 45 -37.27 36.07 6.92
C GLN B 45 -35.99 36.50 6.22
N LYS B 46 -35.40 35.57 5.49
CA LYS B 46 -34.28 35.86 4.60
C LYS B 46 -34.80 36.14 3.20
N ASP B 47 -33.89 36.56 2.31
CA ASP B 47 -34.30 37.08 1.02
C ASP B 47 -34.13 36.09 -0.12
N SER B 48 -33.38 35.01 0.08
CA SER B 48 -33.15 34.07 -1.00
C SER B 48 -32.80 32.72 -0.41
N TYR B 49 -33.54 31.70 -0.78
CA TYR B 49 -33.26 30.34 -0.38
C TYR B 49 -32.64 29.61 -1.55
N VAL B 50 -31.58 28.87 -1.29
CA VAL B 50 -30.83 28.19 -2.34
C VAL B 50 -30.75 26.71 -2.00
N GLY B 51 -31.00 25.87 -3.00
CA GLY B 51 -30.76 24.45 -2.84
C GLY B 51 -31.98 23.63 -2.49
N ASP B 52 -31.80 22.71 -1.55
CA ASP B 52 -32.87 21.81 -1.13
C ASP B 52 -33.84 22.48 -0.19
N GLU B 53 -33.46 23.61 0.38
CA GLU B 53 -34.36 24.36 1.23
C GLU B 53 -35.43 25.06 0.40
N ALA B 54 -35.04 25.59 -0.75
CA ALA B 54 -35.99 26.22 -1.66
C ALA B 54 -37.05 25.27 -2.13
N GLN B 55 -36.81 23.97 -2.07
CA GLN B 55 -37.84 23.00 -2.42
C GLN B 55 -38.79 22.76 -1.27
N SER B 56 -38.36 22.99 -0.03
CA SER B 56 -39.29 22.92 1.08
C SER B 56 -40.18 24.15 1.14
N LYS B 57 -39.57 25.33 1.03
CA LYS B 57 -40.33 26.56 0.99
C LYS B 57 -40.91 26.83 -0.38
N ARG B 58 -41.02 25.79 -1.20
CA ARG B 58 -41.33 25.95 -2.62
C ARG B 58 -42.65 26.65 -2.84
N GLY B 59 -43.58 26.55 -1.90
CA GLY B 59 -44.92 27.07 -2.13
C GLY B 59 -45.02 28.57 -2.13
N ILE B 60 -44.03 29.29 -1.62
CA ILE B 60 -44.13 30.73 -1.51
C ILE B 60 -42.97 31.43 -2.19
N LEU B 61 -42.24 30.70 -3.03
CA LEU B 61 -41.07 31.24 -3.69
C LEU B 61 -41.26 31.19 -5.20
N THR B 62 -40.45 31.98 -5.90
CA THR B 62 -40.26 31.86 -7.34
C THR B 62 -38.92 31.21 -7.57
N LEU B 63 -38.91 30.02 -8.15
CA LEU B 63 -37.68 29.27 -8.33
C LEU B 63 -37.02 29.63 -9.64
N LYS B 64 -35.77 30.04 -9.57
CA LYS B 64 -34.97 30.37 -10.74
C LYS B 64 -33.86 29.34 -10.90
N TYR B 65 -33.61 28.95 -12.14
CA TYR B 65 -32.43 28.15 -12.44
C TYR B 65 -31.34 29.07 -12.95
N PRO B 66 -30.17 29.11 -12.30
CA PRO B 66 -29.14 30.05 -12.74
C PRO B 66 -28.43 29.63 -14.01
N ILE B 67 -28.76 28.47 -14.56
CA ILE B 67 -28.04 27.91 -15.70
C ILE B 67 -29.05 27.30 -16.66
N GLU B 68 -29.02 27.73 -17.92
CA GLU B 68 -30.13 27.46 -18.82
C GLU B 68 -29.92 26.24 -19.70
N HIS B 69 -28.95 26.27 -20.62
CA HIS B 69 -28.58 25.11 -21.42
C HIS B 69 -27.09 24.99 -21.29
N GLY B 70 -26.61 24.42 -20.20
CA GLY B 70 -25.18 24.37 -20.03
C GLY B 70 -24.61 25.72 -19.64
N ILE B 71 -25.14 26.77 -20.24
CA ILE B 71 -24.60 28.12 -20.07
C ILE B 71 -25.15 28.74 -18.80
N ILE B 72 -24.30 29.44 -18.06
CA ILE B 72 -24.73 30.16 -16.87
C ILE B 72 -25.24 31.53 -17.29
N THR B 73 -26.46 31.85 -16.88
CA THR B 73 -27.07 33.12 -17.24
C THR B 73 -27.20 34.09 -16.08
N ASN B 74 -27.06 33.64 -14.84
CA ASN B 74 -27.16 34.49 -13.67
C ASN B 74 -25.95 34.24 -12.79
N TRP B 75 -24.98 35.14 -12.83
CA TRP B 75 -23.73 34.88 -12.14
C TRP B 75 -23.86 35.08 -10.64
N ASP B 76 -24.73 35.97 -10.19
CA ASP B 76 -24.95 36.14 -8.77
C ASP B 76 -25.61 34.91 -8.17
N ASP B 77 -26.65 34.40 -8.83
CA ASP B 77 -27.25 33.16 -8.40
C ASP B 77 -26.25 32.02 -8.40
N MET B 78 -25.38 31.96 -9.41
CA MET B 78 -24.44 30.86 -9.44
C MET B 78 -23.42 30.97 -8.31
N GLU B 79 -23.01 32.19 -7.96
CA GLU B 79 -22.13 32.34 -6.80
C GLU B 79 -22.82 31.92 -5.52
N LYS B 80 -24.12 32.19 -5.41
CA LYS B 80 -24.85 31.69 -4.25
C LYS B 80 -24.89 30.17 -4.22
N ILE B 81 -25.10 29.55 -5.37
CA ILE B 81 -25.12 28.10 -5.45
C ILE B 81 -23.78 27.54 -4.98
N TRP B 82 -22.69 28.10 -5.48
CA TRP B 82 -21.38 27.58 -5.13
C TRP B 82 -21.06 27.81 -3.67
N HIS B 83 -21.43 28.97 -3.13
CA HIS B 83 -21.21 29.24 -1.72
C HIS B 83 -21.97 28.25 -0.86
N HIS B 84 -23.23 28.01 -1.20
CA HIS B 84 -24.01 27.01 -0.47
C HIS B 84 -23.34 25.64 -0.54
N THR B 85 -22.86 25.27 -1.73
CA THR B 85 -22.24 23.96 -1.89
C THR B 85 -20.99 23.82 -1.02
N PHE B 86 -20.14 24.84 -1.03
CA PHE B 86 -18.89 24.73 -0.29
C PHE B 86 -19.13 24.76 1.21
N TYR B 87 -19.96 25.66 1.69
CA TYR B 87 -20.03 25.89 3.13
C TYR B 87 -21.15 25.16 3.82
N ASN B 88 -22.34 25.06 3.22
CA ASN B 88 -23.48 24.52 3.93
C ASN B 88 -23.81 23.09 3.56
N GLU B 89 -23.10 22.48 2.62
CA GLU B 89 -23.35 21.09 2.25
C GLU B 89 -22.11 20.22 2.45
N LEU B 90 -20.94 20.70 2.05
CA LEU B 90 -19.69 19.97 2.28
C LEU B 90 -18.96 20.44 3.52
N ARG B 91 -19.13 21.69 3.92
CA ARG B 91 -18.51 22.24 5.12
C ARG B 91 -16.98 22.20 5.00
N VAL B 92 -16.48 22.74 3.90
CA VAL B 92 -15.05 22.80 3.65
C VAL B 92 -14.69 24.24 3.33
N ALA B 93 -13.41 24.54 3.45
CA ALA B 93 -12.93 25.87 3.14
C ALA B 93 -12.20 25.83 1.82
N PRO B 94 -12.70 26.48 0.77
CA PRO B 94 -12.08 26.34 -0.55
C PRO B 94 -10.73 27.00 -0.69
N GLU B 95 -10.19 27.62 0.34
CA GLU B 95 -8.86 28.19 0.25
C GLU B 95 -7.79 27.12 0.30
N GLU B 96 -8.15 25.88 0.57
CA GLU B 96 -7.18 24.82 0.78
C GLU B 96 -7.55 23.55 0.01
N HIS B 97 -8.35 23.67 -1.04
CA HIS B 97 -8.78 22.53 -1.82
C HIS B 97 -8.77 22.87 -3.29
N PRO B 98 -8.08 22.11 -4.13
CA PRO B 98 -8.27 22.22 -5.57
C PRO B 98 -9.67 21.80 -5.95
N THR B 99 -10.18 22.38 -7.03
CA THR B 99 -11.57 22.16 -7.43
C THR B 99 -11.62 21.81 -8.91
N LEU B 100 -12.18 20.66 -9.23
CA LEU B 100 -12.41 20.26 -10.62
C LEU B 100 -13.85 20.54 -10.99
N LEU B 101 -14.06 21.32 -12.03
CA LEU B 101 -15.37 21.69 -12.50
C LEU B 101 -15.62 21.08 -13.87
N THR B 102 -16.88 20.93 -14.22
CA THR B 102 -17.25 20.17 -15.40
C THR B 102 -18.12 21.03 -16.31
N GLU B 103 -17.93 20.88 -17.63
CA GLU B 103 -18.63 21.70 -18.60
C GLU B 103 -18.95 20.87 -19.82
N ALA B 104 -19.97 21.28 -20.55
CA ALA B 104 -20.38 20.58 -21.76
C ALA B 104 -19.58 21.08 -22.96
N PRO B 105 -19.49 20.27 -24.01
CA PRO B 105 -18.78 20.72 -25.21
C PRO B 105 -19.50 21.85 -25.89
N LEU B 106 -18.72 22.68 -26.60
CA LEU B 106 -19.25 23.70 -27.48
C LEU B 106 -20.07 24.75 -26.74
N ASN B 107 -19.58 25.18 -25.61
CA ASN B 107 -20.18 26.32 -24.93
C ASN B 107 -19.42 27.58 -25.24
N PRO B 108 -19.98 28.74 -24.95
CA PRO B 108 -19.21 29.98 -25.04
C PRO B 108 -17.94 29.91 -24.23
N LYS B 109 -16.99 30.77 -24.58
CA LYS B 109 -15.72 30.77 -23.87
C LYS B 109 -15.78 31.64 -22.64
N ALA B 110 -16.61 32.67 -22.65
CA ALA B 110 -16.76 33.50 -21.47
C ALA B 110 -17.32 32.71 -20.31
N ASN B 111 -18.02 31.62 -20.58
CA ASN B 111 -18.50 30.75 -19.52
C ASN B 111 -17.32 30.24 -18.69
N ARG B 112 -16.37 29.57 -19.33
CA ARG B 112 -15.20 29.06 -18.61
C ARG B 112 -14.38 30.19 -18.04
N GLU B 113 -14.23 31.29 -18.78
CA GLU B 113 -13.38 32.36 -18.29
C GLU B 113 -13.91 32.95 -17.00
N LYS B 114 -15.21 33.27 -16.96
CA LYS B 114 -15.80 33.80 -15.75
C LYS B 114 -15.84 32.76 -14.65
N MET B 115 -16.03 31.49 -15.00
CA MET B 115 -16.03 30.44 -13.98
C MET B 115 -14.70 30.42 -13.24
N THR B 116 -13.59 30.43 -13.97
CA THR B 116 -12.30 30.38 -13.30
C THR B 116 -11.97 31.69 -12.61
N GLN B 117 -12.37 32.81 -13.19
CA GLN B 117 -12.17 34.08 -12.51
C GLN B 117 -12.84 34.06 -11.15
N ILE B 118 -14.08 33.56 -11.09
CA ILE B 118 -14.79 33.48 -9.82
C ILE B 118 -14.08 32.53 -8.87
N MET B 119 -13.72 31.35 -9.35
CA MET B 119 -13.12 30.36 -8.46
C MET B 119 -11.80 30.85 -7.89
N PHE B 120 -11.08 31.69 -8.62
CA PHE B 120 -9.80 32.15 -8.09
C PHE B 120 -9.94 33.40 -7.24
N GLU B 121 -10.88 34.28 -7.55
CA GLU B 121 -10.97 35.54 -6.84
C GLU B 121 -11.99 35.53 -5.71
N THR B 122 -13.21 35.08 -5.97
CA THR B 122 -14.22 35.05 -4.93
C THR B 122 -13.93 33.95 -3.91
N PHE B 123 -13.55 32.76 -4.37
CA PHE B 123 -13.38 31.64 -3.46
C PHE B 123 -11.92 31.32 -3.15
N ASN B 124 -10.98 31.83 -3.92
CA ASN B 124 -9.56 31.78 -3.59
C ASN B 124 -9.02 30.36 -3.55
N VAL B 125 -9.56 29.47 -4.39
CA VAL B 125 -9.09 28.10 -4.45
C VAL B 125 -7.63 28.10 -4.86
N PRO B 126 -6.84 27.12 -4.43
CA PRO B 126 -5.42 27.11 -4.85
C PRO B 126 -5.22 26.71 -6.29
N ALA B 127 -6.08 25.87 -6.83
CA ALA B 127 -5.98 25.43 -8.21
C ALA B 127 -7.38 25.09 -8.69
N MET B 128 -7.52 24.93 -10.00
CA MET B 128 -8.80 24.49 -10.53
C MET B 128 -8.60 23.98 -11.95
N TYR B 129 -9.64 23.37 -12.49
CA TYR B 129 -9.57 22.72 -13.79
C TYR B 129 -10.99 22.49 -14.28
N VAL B 130 -11.19 22.60 -15.58
CA VAL B 130 -12.49 22.42 -16.19
C VAL B 130 -12.43 21.27 -17.17
N ALA B 131 -13.28 20.27 -16.97
CA ALA B 131 -13.26 19.05 -17.76
C ALA B 131 -14.54 18.91 -18.55
N ILE B 132 -14.51 18.07 -19.55
CA ILE B 132 -15.67 17.82 -20.39
C ILE B 132 -16.45 16.66 -19.79
N GLN B 133 -17.78 16.75 -19.82
CA GLN B 133 -18.59 15.76 -19.14
C GLN B 133 -18.46 14.38 -19.78
N ALA B 134 -18.38 14.33 -21.10
CA ALA B 134 -18.38 13.05 -21.79
C ALA B 134 -17.08 12.27 -21.51
N VAL B 135 -15.95 12.97 -21.47
CA VAL B 135 -14.70 12.30 -21.15
C VAL B 135 -14.78 11.66 -19.77
N LEU B 136 -15.38 12.35 -18.82
CA LEU B 136 -15.47 11.81 -17.47
C LEU B 136 -16.43 10.64 -17.43
N SER B 137 -17.51 10.68 -18.21
CA SER B 137 -18.36 9.51 -18.32
C SER B 137 -17.57 8.32 -18.80
N LEU B 138 -16.68 8.53 -19.74
CA LEU B 138 -15.97 7.40 -20.32
C LEU B 138 -14.89 6.88 -19.38
N TYR B 139 -14.30 7.76 -18.56
CA TYR B 139 -13.50 7.29 -17.44
C TYR B 139 -14.30 6.38 -16.51
N ALA B 140 -15.43 6.86 -16.03
CA ALA B 140 -16.21 6.09 -15.06
C ALA B 140 -16.77 4.81 -15.66
N SER B 141 -16.91 4.73 -16.98
CA SER B 141 -17.41 3.50 -17.58
C SER B 141 -16.35 2.43 -17.74
N GLY B 142 -15.09 2.74 -17.48
CA GLY B 142 -14.04 1.76 -17.67
C GLY B 142 -13.72 1.45 -19.11
N ARG B 143 -13.91 2.40 -20.01
CA ARG B 143 -13.56 2.26 -21.41
C ARG B 143 -12.42 3.20 -21.73
N THR B 144 -11.87 3.03 -22.91
CA THR B 144 -10.97 4.00 -23.48
C THR B 144 -11.35 4.38 -24.89
N THR B 145 -12.28 3.65 -25.51
CA THR B 145 -12.92 4.04 -26.75
C THR B 145 -14.42 4.10 -26.50
N GLY B 146 -15.16 4.52 -27.51
CA GLY B 146 -16.60 4.53 -27.39
C GLY B 146 -17.22 5.88 -27.67
N ILE B 147 -18.45 5.89 -28.16
CA ILE B 147 -19.19 7.12 -28.40
C ILE B 147 -20.17 7.31 -27.25
N VAL B 148 -19.99 8.38 -26.51
CA VAL B 148 -20.74 8.62 -25.29
C VAL B 148 -21.85 9.63 -25.56
N LEU B 149 -23.06 9.31 -25.13
CA LEU B 149 -24.25 10.16 -25.29
C LEU B 149 -24.66 10.63 -23.91
N ASP B 150 -24.36 11.88 -23.59
CA ASP B 150 -24.55 12.40 -22.25
C ASP B 150 -25.76 13.35 -22.25
N SER B 151 -26.90 12.84 -21.81
CA SER B 151 -28.13 13.60 -21.82
C SER B 151 -28.39 14.10 -20.40
N GLY B 152 -28.09 15.36 -20.16
CA GLY B 152 -28.30 15.93 -18.86
C GLY B 152 -29.69 16.49 -18.68
N ASP B 153 -29.77 17.75 -18.22
CA ASP B 153 -31.03 18.43 -18.06
C ASP B 153 -31.17 19.66 -18.94
N GLY B 154 -30.08 20.20 -19.46
CA GLY B 154 -30.17 21.28 -20.41
C GLY B 154 -29.69 20.90 -21.80
N VAL B 155 -28.68 20.06 -21.89
CA VAL B 155 -28.00 19.81 -23.15
C VAL B 155 -27.78 18.31 -23.32
N THR B 156 -27.87 17.84 -24.56
CA THR B 156 -27.51 16.49 -24.94
C THR B 156 -26.35 16.56 -25.92
N HIS B 157 -25.39 15.66 -25.79
CA HIS B 157 -24.28 15.70 -26.73
C HIS B 157 -23.67 14.31 -26.91
N ASN B 158 -23.10 14.10 -28.09
CA ASN B 158 -22.31 12.92 -28.41
C ASN B 158 -20.84 13.33 -28.51
N VAL B 159 -19.95 12.52 -27.96
CA VAL B 159 -18.54 12.78 -28.10
C VAL B 159 -17.83 11.47 -28.42
N PRO B 160 -17.46 11.22 -29.68
CA PRO B 160 -16.79 9.96 -30.00
C PRO B 160 -15.33 10.02 -29.63
N ILE B 161 -14.89 9.05 -28.85
CA ILE B 161 -13.52 8.93 -28.40
C ILE B 161 -13.00 7.56 -28.82
N TYR B 162 -11.79 7.54 -29.36
CA TYR B 162 -11.16 6.28 -29.75
C TYR B 162 -9.75 6.25 -29.22
N GLU B 163 -9.47 5.26 -28.38
CA GLU B 163 -8.12 5.02 -27.89
C GLU B 163 -7.59 6.19 -27.09
N GLY B 164 -8.46 6.97 -26.49
CA GLY B 164 -8.05 8.14 -25.75
C GLY B 164 -7.94 9.41 -26.55
N TYR B 165 -8.16 9.36 -27.85
CA TYR B 165 -8.16 10.54 -28.69
C TYR B 165 -9.59 10.88 -29.06
N ALA B 166 -9.96 12.14 -28.90
CA ALA B 166 -11.31 12.58 -29.22
C ALA B 166 -11.35 13.20 -30.60
N LEU B 167 -12.47 12.99 -31.29
CA LEU B 167 -12.68 13.42 -32.66
C LEU B 167 -13.51 14.69 -32.62
N PRO B 168 -12.91 15.88 -32.53
CA PRO B 168 -13.70 17.07 -32.25
C PRO B 168 -14.64 17.44 -33.38
N HIS B 169 -14.27 17.15 -34.62
CA HIS B 169 -15.14 17.47 -35.72
C HIS B 169 -16.40 16.63 -35.74
N ALA B 170 -16.47 15.58 -34.93
CA ALA B 170 -17.63 14.70 -34.89
C ALA B 170 -18.47 14.91 -33.64
N ILE B 171 -18.11 15.89 -32.82
CA ILE B 171 -18.90 16.18 -31.63
C ILE B 171 -20.19 16.85 -32.04
N MET B 172 -21.31 16.31 -31.60
CA MET B 172 -22.62 16.86 -31.88
C MET B 172 -23.26 17.29 -30.57
N ARG B 173 -23.92 18.42 -30.58
CA ARG B 173 -24.57 18.95 -29.40
C ARG B 173 -26.01 19.31 -29.75
N LEU B 174 -26.94 18.94 -28.90
CA LEU B 174 -28.35 19.15 -29.13
C LEU B 174 -28.94 19.80 -27.89
N ASP B 175 -29.76 20.82 -28.07
CA ASP B 175 -30.31 21.55 -26.93
C ASP B 175 -31.67 21.05 -26.50
N LEU B 176 -31.93 19.76 -26.62
CA LEU B 176 -33.14 19.13 -26.14
C LEU B 176 -32.78 18.21 -24.99
N ALA B 177 -33.47 18.35 -23.86
CA ALA B 177 -33.09 17.62 -22.68
C ALA B 177 -34.27 17.52 -21.73
N GLY B 178 -33.98 17.22 -20.46
CA GLY B 178 -35.04 17.00 -19.49
C GLY B 178 -35.91 18.20 -19.23
N ARG B 179 -35.36 19.41 -19.33
CA ARG B 179 -36.17 20.59 -19.10
C ARG B 179 -37.21 20.76 -20.20
N ASP B 180 -36.83 20.52 -21.44
CA ASP B 180 -37.79 20.57 -22.53
C ASP B 180 -38.77 19.42 -22.45
N LEU B 181 -38.35 18.26 -21.93
CA LEU B 181 -39.31 17.18 -21.73
C LEU B 181 -40.32 17.54 -20.66
N THR B 182 -39.89 18.23 -19.60
CA THR B 182 -40.83 18.68 -18.58
C THR B 182 -41.82 19.67 -19.16
N ASP B 183 -41.34 20.62 -19.95
CA ASP B 183 -42.25 21.59 -20.54
C ASP B 183 -43.24 20.92 -21.47
N TYR B 184 -42.77 19.95 -22.25
CA TYR B 184 -43.70 19.24 -23.11
C TYR B 184 -44.71 18.44 -22.31
N LEU B 185 -44.29 17.88 -21.19
CA LEU B 185 -45.23 17.11 -20.39
C LEU B 185 -46.27 18.00 -19.74
N MET B 186 -45.89 19.19 -19.28
CA MET B 186 -46.88 20.15 -18.83
C MET B 186 -47.90 20.43 -19.94
N LYS B 187 -47.39 20.89 -21.08
CA LYS B 187 -48.26 21.24 -22.20
C LYS B 187 -49.11 20.08 -22.66
N ILE B 188 -48.67 18.85 -22.45
CA ILE B 188 -49.43 17.71 -22.94
C ILE B 188 -50.40 17.18 -21.89
N LEU B 189 -50.12 17.41 -20.60
CA LEU B 189 -51.08 17.09 -19.56
C LEU B 189 -52.26 18.03 -19.60
N THR B 190 -52.04 19.27 -20.05
CA THR B 190 -53.15 20.22 -20.08
C THR B 190 -54.33 19.72 -20.89
N GLU B 191 -54.14 18.75 -21.77
CA GLU B 191 -55.23 18.26 -22.61
C GLU B 191 -56.05 17.19 -21.92
N ARG B 192 -55.67 16.78 -20.73
CA ARG B 192 -56.46 15.85 -19.95
C ARG B 192 -57.21 16.55 -18.83
N GLY B 193 -56.93 17.81 -18.57
CA GLY B 193 -57.69 18.58 -17.63
C GLY B 193 -56.87 19.21 -16.53
N TYR B 194 -55.64 18.76 -16.35
CA TYR B 194 -54.79 19.28 -15.30
C TYR B 194 -53.95 20.41 -15.85
N SER B 195 -53.76 21.45 -15.05
CA SER B 195 -52.97 22.60 -15.45
C SER B 195 -51.94 22.90 -14.38
N PHE B 196 -50.68 22.93 -14.77
CA PHE B 196 -49.58 23.33 -13.90
C PHE B 196 -48.88 24.49 -14.59
N VAL B 197 -48.86 25.65 -13.94
CA VAL B 197 -48.37 26.86 -14.57
C VAL B 197 -47.20 27.48 -13.82
N THR B 198 -47.20 27.44 -12.49
CA THR B 198 -46.17 28.12 -11.74
C THR B 198 -44.86 27.36 -11.75
N THR B 199 -43.78 28.07 -11.42
CA THR B 199 -42.47 27.44 -11.31
C THR B 199 -42.44 26.40 -10.20
N ALA B 200 -43.34 26.51 -9.24
CA ALA B 200 -43.44 25.50 -8.19
C ALA B 200 -44.24 24.29 -8.62
N GLU B 201 -45.03 24.41 -9.68
CA GLU B 201 -45.69 23.24 -10.24
C GLU B 201 -44.84 22.57 -11.30
N ARG B 202 -43.89 23.28 -11.88
CA ARG B 202 -42.92 22.64 -12.75
C ARG B 202 -42.19 21.51 -12.02
N GLU B 203 -41.92 21.68 -10.73
CA GLU B 203 -41.24 20.64 -9.97
C GLU B 203 -42.14 19.42 -9.77
N ILE B 204 -43.42 19.64 -9.54
CA ILE B 204 -44.35 18.53 -9.42
C ILE B 204 -44.42 17.76 -10.73
N VAL B 205 -44.39 18.49 -11.85
CA VAL B 205 -44.44 17.81 -13.15
C VAL B 205 -43.17 17.03 -13.41
N ARG B 206 -42.03 17.58 -12.98
CA ARG B 206 -40.78 16.85 -13.14
C ARG B 206 -40.80 15.57 -12.33
N ASP B 207 -41.39 15.62 -11.14
CA ASP B 207 -41.51 14.40 -10.35
C ASP B 207 -42.42 13.39 -11.02
N ILE B 208 -43.55 13.83 -11.57
CA ILE B 208 -44.42 12.92 -12.32
C ILE B 208 -43.65 12.26 -13.44
N LYS B 209 -42.86 13.05 -14.17
CA LYS B 209 -42.10 12.51 -15.29
C LYS B 209 -41.15 11.42 -14.84
N GLU B 210 -40.28 11.76 -13.89
CA GLU B 210 -39.34 10.78 -13.34
C GLU B 210 -40.03 9.52 -12.88
N LYS B 211 -41.19 9.65 -12.27
CA LYS B 211 -41.78 8.50 -11.61
C LYS B 211 -42.66 7.65 -12.52
N LEU B 212 -43.19 8.19 -13.62
CA LEU B 212 -44.15 7.44 -14.40
C LEU B 212 -43.82 7.30 -15.87
N CYS B 213 -42.88 8.06 -16.42
CA CYS B 213 -42.66 8.02 -17.85
C CYS B 213 -41.70 6.91 -18.24
N TYR B 214 -41.83 6.46 -19.47
CA TYR B 214 -40.99 5.41 -20.02
C TYR B 214 -40.97 5.55 -21.54
N VAL B 215 -40.03 4.86 -22.17
CA VAL B 215 -39.85 4.91 -23.62
C VAL B 215 -40.50 3.69 -24.23
N ALA B 216 -41.37 3.90 -25.20
CA ALA B 216 -42.02 2.81 -25.89
C ALA B 216 -41.05 2.16 -26.86
N LEU B 217 -41.13 0.84 -26.99
CA LEU B 217 -40.28 0.19 -27.98
C LEU B 217 -40.79 0.43 -29.38
N ASP B 218 -42.11 0.44 -29.56
CA ASP B 218 -42.74 0.78 -30.83
C ASP B 218 -43.81 1.80 -30.58
N PHE B 219 -43.63 3.01 -31.13
CA PHE B 219 -44.49 4.12 -30.76
C PHE B 219 -45.91 3.92 -31.28
N GLU B 220 -46.05 3.49 -32.53
CA GLU B 220 -47.38 3.33 -33.10
C GLU B 220 -48.15 2.22 -32.41
N ASN B 221 -47.47 1.12 -32.09
CA ASN B 221 -48.17 0.03 -31.42
C ASN B 221 -48.54 0.41 -30.01
N GLU B 222 -47.70 1.18 -29.32
CA GLU B 222 -48.09 1.62 -27.98
C GLU B 222 -49.22 2.65 -28.04
N MET B 223 -49.25 3.46 -29.09
CA MET B 223 -50.38 4.39 -29.23
C MET B 223 -51.69 3.64 -29.46
N ALA B 224 -51.66 2.62 -30.32
CA ALA B 224 -52.86 1.82 -30.51
C ALA B 224 -53.24 1.06 -29.24
N THR B 225 -52.26 0.55 -28.51
CA THR B 225 -52.53 -0.14 -27.26
C THR B 225 -53.21 0.79 -26.26
N ALA B 226 -52.72 2.02 -26.14
CA ALA B 226 -53.36 2.95 -25.22
C ALA B 226 -54.74 3.36 -25.72
N ALA B 227 -54.92 3.45 -27.03
CA ALA B 227 -56.23 3.82 -27.56
C ALA B 227 -57.26 2.73 -27.38
N SER B 228 -56.85 1.47 -27.28
CA SER B 228 -57.81 0.38 -27.14
C SER B 228 -57.93 -0.10 -25.69
N SER B 229 -56.84 -0.52 -25.08
CA SER B 229 -56.86 -1.01 -23.72
C SER B 229 -57.02 0.14 -22.73
N SER B 230 -56.84 -0.19 -21.45
CA SER B 230 -56.65 0.83 -20.42
C SER B 230 -55.61 0.37 -19.40
N SER B 231 -54.78 -0.61 -19.75
CA SER B 231 -53.80 -1.19 -18.86
C SER B 231 -52.56 -0.33 -18.69
N LEU B 232 -52.47 0.77 -19.40
CA LEU B 232 -51.30 1.64 -19.36
C LEU B 232 -51.40 2.75 -18.34
N GLU B 233 -52.60 3.03 -17.84
CA GLU B 233 -52.81 4.22 -17.02
C GLU B 233 -52.36 3.99 -15.59
N LYS B 234 -51.53 4.89 -15.10
CA LYS B 234 -51.14 4.94 -13.70
C LYS B 234 -51.74 6.18 -13.08
N SER B 235 -51.80 6.19 -11.76
CA SER B 235 -52.27 7.33 -11.01
C SER B 235 -51.13 7.93 -10.20
N TYR B 236 -51.20 9.22 -9.97
CA TYR B 236 -50.20 9.93 -9.21
C TYR B 236 -50.90 10.79 -8.19
N GLU B 237 -50.25 11.04 -7.08
CA GLU B 237 -50.85 11.69 -5.92
C GLU B 237 -50.21 13.06 -5.74
N LEU B 238 -50.94 14.11 -6.08
CA LEU B 238 -50.42 15.46 -5.98
C LEU B 238 -50.14 15.80 -4.52
N PRO B 239 -49.42 16.86 -4.22
CA PRO B 239 -49.09 17.16 -2.83
C PRO B 239 -50.26 17.69 -2.02
N ASP B 240 -51.48 17.59 -2.53
CA ASP B 240 -52.66 17.95 -1.75
C ASP B 240 -53.81 16.97 -1.94
N GLY B 241 -53.55 15.78 -2.44
CA GLY B 241 -54.62 14.85 -2.74
C GLY B 241 -54.93 14.89 -4.21
N GLN B 242 -56.20 14.68 -4.58
CA GLN B 242 -56.68 14.80 -5.95
C GLN B 242 -55.77 14.11 -6.98
N VAL B 243 -55.71 12.79 -6.84
CA VAL B 243 -54.97 11.94 -7.76
C VAL B 243 -55.26 12.29 -9.21
N ILE B 244 -54.23 12.20 -10.05
CA ILE B 244 -54.35 12.39 -11.48
C ILE B 244 -53.98 11.10 -12.16
N THR B 245 -54.66 10.77 -13.25
CA THR B 245 -54.39 9.55 -13.99
C THR B 245 -53.97 9.91 -15.41
N ILE B 246 -52.81 9.41 -15.83
CA ILE B 246 -52.25 9.72 -17.12
C ILE B 246 -52.12 8.42 -17.92
N GLY B 247 -52.46 8.49 -19.19
CA GLY B 247 -52.43 7.33 -20.05
C GLY B 247 -51.27 7.34 -21.00
N ASN B 248 -51.53 7.59 -22.28
CA ASN B 248 -50.42 7.56 -23.24
C ASN B 248 -49.46 8.71 -23.05
N GLU B 249 -49.73 9.65 -22.15
CA GLU B 249 -48.74 10.68 -21.86
C GLU B 249 -47.48 10.11 -21.25
N ARG B 250 -47.52 8.86 -20.77
CA ARG B 250 -46.36 8.30 -20.09
C ARG B 250 -45.23 8.06 -21.07
N PHE B 251 -45.54 7.52 -22.25
CA PHE B 251 -44.52 7.28 -23.26
C PHE B 251 -44.52 8.33 -24.34
N ARG B 252 -45.47 9.26 -24.33
CA ARG B 252 -45.48 10.33 -25.31
C ARG B 252 -44.54 11.46 -24.94
N CYS B 253 -44.15 11.56 -23.68
CA CYS B 253 -43.22 12.63 -23.30
C CYS B 253 -41.79 12.31 -23.72
N PRO B 254 -41.19 11.19 -23.31
CA PRO B 254 -39.79 10.95 -23.69
C PRO B 254 -39.62 10.57 -25.14
N GLU B 255 -40.70 10.32 -25.87
CA GLU B 255 -40.63 10.14 -27.31
C GLU B 255 -40.18 11.40 -28.01
N THR B 256 -40.24 12.55 -27.35
CA THR B 256 -39.70 13.77 -27.93
C THR B 256 -38.21 13.66 -28.17
N LEU B 257 -37.51 12.79 -27.43
CA LEU B 257 -36.09 12.62 -27.67
C LEU B 257 -35.83 11.98 -29.02
N PHE B 258 -36.74 11.14 -29.49
CA PHE B 258 -36.58 10.47 -30.76
C PHE B 258 -37.34 11.14 -31.89
N GLN B 259 -38.25 12.05 -31.57
CA GLN B 259 -38.95 12.84 -32.58
C GLN B 259 -39.03 14.29 -32.13
N PRO B 260 -37.93 15.01 -32.17
CA PRO B 260 -37.93 16.37 -31.64
C PRO B 260 -38.81 17.34 -32.42
N SER B 261 -39.51 16.85 -33.44
CA SER B 261 -40.52 17.68 -34.06
C SER B 261 -41.74 17.86 -33.18
N PHE B 262 -41.88 17.05 -32.13
CA PHE B 262 -42.99 17.20 -31.21
C PHE B 262 -42.97 18.57 -30.54
N ILE B 263 -41.79 19.06 -30.20
CA ILE B 263 -41.66 20.38 -29.62
C ILE B 263 -41.18 21.39 -30.65
N GLY B 264 -41.42 21.12 -31.93
CA GLY B 264 -41.13 22.10 -32.95
C GLY B 264 -39.68 22.30 -33.27
N MET B 265 -38.80 21.41 -32.83
CA MET B 265 -37.42 21.46 -33.27
C MET B 265 -37.29 20.74 -34.61
N GLU B 266 -36.30 21.13 -35.39
CA GLU B 266 -36.14 20.53 -36.69
C GLU B 266 -35.18 19.34 -36.66
N SER B 267 -34.31 19.28 -35.65
CA SER B 267 -33.20 18.35 -35.68
C SER B 267 -33.69 16.91 -35.60
N ALA B 268 -32.74 15.98 -35.53
CA ALA B 268 -33.03 14.57 -35.54
C ALA B 268 -32.91 14.00 -34.13
N GLY B 269 -33.49 12.82 -33.95
CA GLY B 269 -33.49 12.19 -32.66
C GLY B 269 -32.09 11.88 -32.18
N ILE B 270 -32.03 11.42 -30.93
CA ILE B 270 -30.73 11.06 -30.38
C ILE B 270 -30.18 9.83 -31.08
N HIS B 271 -31.05 8.91 -31.48
CA HIS B 271 -30.60 7.73 -32.20
C HIS B 271 -29.99 8.09 -33.53
N GLU B 272 -30.37 9.22 -34.09
CA GLU B 272 -29.88 9.62 -35.40
C GLU B 272 -28.68 10.53 -35.30
N THR B 273 -28.60 11.39 -34.28
CA THR B 273 -27.36 12.14 -34.11
C THR B 273 -26.22 11.23 -33.68
N THR B 274 -26.51 10.18 -32.92
CA THR B 274 -25.46 9.21 -32.59
C THR B 274 -24.90 8.57 -33.84
N TYR B 275 -25.78 8.09 -34.71
CA TYR B 275 -25.35 7.46 -35.95
C TYR B 275 -24.62 8.45 -36.84
N ASN B 276 -25.06 9.72 -36.87
CA ASN B 276 -24.37 10.70 -37.71
C ASN B 276 -22.98 11.02 -37.19
N SER B 277 -22.81 11.06 -35.87
CA SER B 277 -21.47 11.24 -35.34
C SER B 277 -20.57 10.07 -35.70
N ILE B 278 -21.11 8.85 -35.59
CA ILE B 278 -20.33 7.69 -36.01
C ILE B 278 -19.94 7.80 -37.47
N MET B 279 -20.87 8.16 -38.33
CA MET B 279 -20.55 8.24 -39.76
C MET B 279 -19.64 9.41 -40.08
N LYS B 280 -19.53 10.40 -39.21
CA LYS B 280 -18.49 11.40 -39.41
C LYS B 280 -17.12 10.84 -39.03
N CYS B 281 -17.08 9.91 -38.10
CA CYS B 281 -15.80 9.38 -37.69
C CYS B 281 -15.17 8.52 -38.79
N ASP B 282 -13.86 8.30 -38.67
CA ASP B 282 -13.10 7.57 -39.67
C ASP B 282 -13.58 6.13 -39.80
N ILE B 283 -13.44 5.57 -40.99
CA ILE B 283 -14.09 4.30 -41.29
C ILE B 283 -13.49 3.15 -40.50
N ASP B 284 -12.28 3.30 -39.99
CA ASP B 284 -11.63 2.18 -39.33
C ASP B 284 -12.05 2.01 -37.89
N ILE B 285 -12.70 3.01 -37.29
CA ILE B 285 -13.08 2.94 -35.88
C ILE B 285 -14.57 2.82 -35.69
N ARG B 286 -15.34 2.77 -36.77
CA ARG B 286 -16.79 2.73 -36.62
C ARG B 286 -17.27 1.44 -35.99
N LYS B 287 -16.57 0.32 -36.21
CA LYS B 287 -16.99 -0.92 -35.58
C LYS B 287 -16.88 -0.85 -34.07
N ASP B 288 -15.73 -0.35 -33.58
CA ASP B 288 -15.56 -0.18 -32.15
C ASP B 288 -16.58 0.79 -31.57
N LEU B 289 -16.86 1.88 -32.29
CA LEU B 289 -17.86 2.82 -31.79
C LEU B 289 -19.23 2.17 -31.71
N TYR B 290 -19.62 1.42 -32.75
CA TYR B 290 -20.88 0.70 -32.69
C TYR B 290 -20.92 -0.23 -31.49
N ALA B 291 -19.79 -0.81 -31.13
CA ALA B 291 -19.79 -1.75 -30.02
C ALA B 291 -19.69 -1.10 -28.65
N ASN B 292 -19.38 0.19 -28.57
CA ASN B 292 -19.13 0.82 -27.26
C ASN B 292 -19.96 2.07 -27.07
N ASN B 293 -21.25 1.97 -27.28
CA ASN B 293 -22.14 3.13 -27.22
C ASN B 293 -22.61 3.37 -25.80
N VAL B 294 -22.06 4.40 -25.14
CA VAL B 294 -22.20 4.60 -23.70
C VAL B 294 -23.24 5.67 -23.42
N LEU B 295 -24.15 5.40 -22.49
CA LEU B 295 -25.16 6.34 -22.06
C LEU B 295 -24.84 6.87 -20.67
N SER B 296 -25.08 8.16 -20.45
CA SER B 296 -24.93 8.71 -19.11
C SER B 296 -25.81 9.93 -18.97
N GLY B 297 -26.03 10.34 -17.73
CA GLY B 297 -26.84 11.51 -17.46
C GLY B 297 -28.29 11.15 -17.17
N GLY B 298 -28.97 12.07 -16.47
CA GLY B 298 -30.27 11.76 -15.92
C GLY B 298 -31.34 11.47 -16.95
N THR B 299 -31.26 12.08 -18.12
CA THR B 299 -32.29 11.86 -19.13
C THR B 299 -32.17 10.53 -19.84
N THR B 300 -31.05 9.85 -19.72
CA THR B 300 -30.92 8.50 -20.25
C THR B 300 -31.47 7.46 -19.33
N MET B 301 -32.28 7.85 -18.35
CA MET B 301 -32.65 6.96 -17.26
C MET B 301 -34.08 6.45 -17.38
N TYR B 302 -34.77 6.73 -18.46
CA TYR B 302 -36.10 6.20 -18.63
C TYR B 302 -36.06 4.69 -18.82
N PRO B 303 -37.09 3.98 -18.39
CA PRO B 303 -37.16 2.55 -18.71
C PRO B 303 -37.39 2.34 -20.19
N GLY B 304 -36.56 1.52 -20.80
CA GLY B 304 -36.72 1.16 -22.20
C GLY B 304 -35.93 1.99 -23.17
N ILE B 305 -35.17 2.97 -22.70
CA ILE B 305 -34.45 3.84 -23.63
C ILE B 305 -33.30 3.09 -24.28
N ALA B 306 -32.64 2.21 -23.53
CA ALA B 306 -31.54 1.44 -24.11
C ALA B 306 -32.05 0.50 -25.19
N ASP B 307 -33.14 -0.21 -24.92
CA ASP B 307 -33.69 -1.10 -25.92
C ASP B 307 -34.17 -0.35 -27.14
N ARG B 308 -34.81 0.80 -26.93
CA ARG B 308 -35.26 1.60 -28.07
C ARG B 308 -34.09 2.06 -28.91
N MET B 309 -33.05 2.59 -28.28
CA MET B 309 -31.94 3.11 -29.04
C MET B 309 -31.18 2.01 -29.75
N GLN B 310 -31.09 0.82 -29.15
CA GLN B 310 -30.48 -0.28 -29.86
C GLN B 310 -31.30 -0.68 -31.07
N LYS B 311 -32.61 -0.75 -30.93
CA LYS B 311 -33.43 -1.07 -32.09
C LYS B 311 -33.22 -0.05 -33.21
N GLU B 312 -33.17 1.23 -32.86
CA GLU B 312 -33.05 2.26 -33.88
C GLU B 312 -31.68 2.24 -34.55
N ILE B 313 -30.61 2.28 -33.75
CA ILE B 313 -29.26 2.28 -34.31
C ILE B 313 -29.01 1.00 -35.09
N THR B 314 -29.61 -0.11 -34.68
CA THR B 314 -29.45 -1.35 -35.42
C THR B 314 -30.15 -1.27 -36.76
N ALA B 315 -31.33 -0.67 -36.81
CA ALA B 315 -31.99 -0.50 -38.10
C ALA B 315 -31.22 0.47 -38.99
N LEU B 316 -30.43 1.36 -38.40
CA LEU B 316 -29.69 2.33 -39.20
C LEU B 316 -28.38 1.77 -39.74
N ALA B 317 -27.59 1.15 -38.88
CA ALA B 317 -26.26 0.68 -39.23
C ALA B 317 -26.34 -0.50 -40.19
N PRO B 318 -25.23 -0.87 -40.82
CA PRO B 318 -25.23 -2.07 -41.67
C PRO B 318 -25.54 -3.32 -40.88
N SER B 319 -26.13 -4.29 -41.56
CA SER B 319 -26.68 -5.46 -40.90
C SER B 319 -25.63 -6.46 -40.46
N THR B 320 -24.35 -6.14 -40.56
CA THR B 320 -23.29 -7.04 -40.14
C THR B 320 -22.50 -6.53 -38.96
N MET B 321 -23.03 -5.56 -38.22
CA MET B 321 -22.34 -4.96 -37.10
C MET B 321 -23.01 -5.39 -35.80
N LYS B 322 -22.23 -5.37 -34.72
CA LYS B 322 -22.75 -5.65 -33.39
C LYS B 322 -22.98 -4.34 -32.68
N ILE B 323 -24.22 -3.88 -32.69
CA ILE B 323 -24.61 -2.69 -31.95
C ILE B 323 -24.80 -3.06 -30.50
N LYS B 324 -24.24 -2.28 -29.60
CA LYS B 324 -24.28 -2.60 -28.19
C LYS B 324 -24.37 -1.30 -27.41
N ILE B 325 -25.26 -1.24 -26.43
CA ILE B 325 -25.50 -0.01 -25.69
C ILE B 325 -25.24 -0.26 -24.22
N ILE B 326 -24.29 0.48 -23.68
CA ILE B 326 -23.86 0.34 -22.30
C ILE B 326 -24.63 1.35 -21.46
N ALA B 327 -25.44 0.85 -20.54
CA ALA B 327 -26.29 1.69 -19.71
C ALA B 327 -26.19 1.19 -18.28
N PRO B 328 -25.21 1.66 -17.52
CA PRO B 328 -25.07 1.23 -16.13
C PRO B 328 -26.24 1.71 -15.30
N PRO B 329 -26.48 1.10 -14.14
CA PRO B 329 -27.53 1.62 -13.25
C PRO B 329 -27.17 2.95 -12.60
N GLU B 330 -25.90 3.21 -12.35
CA GLU B 330 -25.49 4.50 -11.82
C GLU B 330 -25.12 5.46 -12.95
N ARG B 331 -26.00 5.54 -13.94
CA ARG B 331 -25.79 6.43 -15.08
C ARG B 331 -25.76 7.88 -14.63
N LYS B 332 -26.73 8.28 -13.81
CA LYS B 332 -26.91 9.69 -13.52
C LYS B 332 -25.66 10.32 -12.91
N TYR B 333 -24.83 9.53 -12.24
CA TYR B 333 -23.67 10.07 -11.56
C TYR B 333 -22.37 9.74 -12.26
N SER B 334 -22.43 9.31 -13.51
CA SER B 334 -21.22 8.88 -14.21
C SER B 334 -20.23 10.02 -14.36
N VAL B 335 -20.70 11.21 -14.66
CA VAL B 335 -19.80 12.34 -14.82
C VAL B 335 -19.07 12.62 -13.51
N TRP B 336 -19.77 12.56 -12.39
CA TRP B 336 -19.11 12.83 -11.12
C TRP B 336 -18.12 11.73 -10.79
N ILE B 337 -18.50 10.47 -11.02
CA ILE B 337 -17.61 9.36 -10.70
C ILE B 337 -16.32 9.47 -11.51
N GLY B 338 -16.46 9.71 -12.81
CA GLY B 338 -15.28 9.90 -13.63
C GLY B 338 -14.46 11.10 -13.20
N GLY B 339 -15.12 12.17 -12.76
CA GLY B 339 -14.38 13.31 -12.27
C GLY B 339 -13.55 12.99 -11.06
N SER B 340 -14.11 12.18 -10.15
CA SER B 340 -13.36 11.78 -8.96
C SER B 340 -12.17 10.92 -9.34
N ILE B 341 -12.38 9.94 -10.21
CA ILE B 341 -11.27 9.13 -10.70
C ILE B 341 -10.17 10.01 -11.27
N LEU B 342 -10.54 10.92 -12.18
CA LEU B 342 -9.56 11.76 -12.84
C LEU B 342 -8.79 12.61 -11.85
N ALA B 343 -9.49 13.28 -10.94
CA ALA B 343 -8.80 14.14 -9.99
C ALA B 343 -7.94 13.35 -9.02
N SER B 344 -8.24 12.06 -8.81
CA SER B 344 -7.38 11.28 -7.94
C SER B 344 -6.19 10.69 -8.65
N LEU B 345 -6.25 10.56 -9.98
CA LEU B 345 -5.08 10.09 -10.73
C LEU B 345 -3.85 10.88 -10.35
N SER B 346 -2.72 10.19 -10.27
CA SER B 346 -1.50 10.87 -9.88
C SER B 346 -0.86 11.60 -11.05
N THR B 347 -1.07 11.13 -12.28
CA THR B 347 -0.59 11.86 -13.44
C THR B 347 -1.23 13.23 -13.56
N PHE B 348 -2.46 13.38 -13.07
CA PHE B 348 -3.21 14.61 -13.23
C PHE B 348 -2.68 15.77 -12.39
N GLN B 349 -1.79 15.50 -11.44
CA GLN B 349 -1.45 16.52 -10.46
C GLN B 349 -0.62 17.66 -11.03
N GLN B 350 -0.10 17.53 -12.25
CA GLN B 350 0.58 18.65 -12.89
C GLN B 350 -0.25 19.24 -14.02
N MET B 351 -1.54 18.95 -14.06
CA MET B 351 -2.42 19.53 -15.06
C MET B 351 -3.44 20.50 -14.46
N TRP B 352 -3.40 20.71 -13.15
CA TRP B 352 -4.20 21.78 -12.57
C TRP B 352 -3.72 23.12 -13.08
N ILE B 353 -4.59 24.11 -12.97
CA ILE B 353 -4.23 25.50 -13.22
C ILE B 353 -3.99 26.13 -11.86
N SER B 354 -2.76 26.52 -11.58
CA SER B 354 -2.47 27.03 -10.25
C SER B 354 -2.81 28.51 -10.15
N LYS B 355 -2.84 29.00 -8.91
CA LYS B 355 -3.11 30.41 -8.68
C LYS B 355 -2.02 31.28 -9.27
N GLN B 356 -0.78 30.82 -9.22
CA GLN B 356 0.33 31.56 -9.80
C GLN B 356 0.15 31.70 -11.31
N GLU B 357 -0.14 30.60 -11.99
CA GLU B 357 -0.36 30.66 -13.43
C GLU B 357 -1.46 31.65 -13.78
N TYR B 358 -2.53 31.67 -12.98
CA TYR B 358 -3.62 32.60 -13.24
C TYR B 358 -3.17 34.04 -13.05
N ASP B 359 -2.61 34.36 -11.88
CA ASP B 359 -2.14 35.72 -11.66
C ASP B 359 -1.13 36.13 -12.71
N GLU B 360 -0.47 35.17 -13.35
CA GLU B 360 0.49 35.48 -14.38
C GLU B 360 -0.19 35.81 -15.70
N ALA B 361 -1.13 34.98 -16.15
CA ALA B 361 -1.62 35.03 -17.52
C ALA B 361 -3.08 35.43 -17.67
N GLY B 362 -3.76 35.81 -16.61
CA GLY B 362 -5.15 36.19 -16.71
C GLY B 362 -6.05 34.99 -16.88
N PRO B 363 -7.37 35.21 -16.98
CA PRO B 363 -8.30 34.10 -17.17
C PRO B 363 -8.17 33.42 -18.52
N SER B 364 -7.37 33.95 -19.44
CA SER B 364 -7.18 33.29 -20.72
C SER B 364 -6.48 31.94 -20.59
N ILE B 365 -5.83 31.68 -19.46
CA ILE B 365 -5.10 30.46 -19.25
C ILE B 365 -5.97 29.22 -19.32
N VAL B 366 -7.29 29.40 -19.37
CA VAL B 366 -8.19 28.27 -19.30
C VAL B 366 -8.19 27.47 -20.59
N HIS B 367 -8.04 28.14 -21.72
CA HIS B 367 -8.12 27.47 -23.01
C HIS B 367 -6.79 26.96 -23.51
N ARG B 368 -5.72 27.15 -22.74
CA ARG B 368 -4.39 26.71 -23.14
C ARG B 368 -4.30 25.19 -23.01
N LYS B 369 -3.08 24.65 -23.18
CA LYS B 369 -2.87 23.22 -23.02
C LYS B 369 -3.35 22.74 -21.66
N CYS B 370 -3.27 23.59 -20.65
CA CYS B 370 -4.06 23.44 -19.44
C CYS B 370 -5.51 23.81 -19.76
N PHE B 371 -6.18 22.86 -20.39
CA PHE B 371 -7.51 23.04 -20.93
C PHE B 371 -8.56 23.20 -19.84
PB ADP C . -27.59 17.90 -14.64
O1B ADP C . -26.70 17.29 -13.60
O2B ADP C . -28.78 18.66 -14.11
O3B ADP C . -26.87 18.62 -15.74
PA ADP C . -28.86 15.46 -14.45
O1A ADP C . -28.08 14.20 -14.67
O2A ADP C . -29.07 16.01 -13.07
O3A ADP C . -28.27 16.64 -15.35
O5' ADP C . -30.33 15.29 -15.07
C5' ADP C . -31.45 15.79 -14.36
C4' ADP C . -32.69 15.55 -15.17
O4' ADP C . -32.87 14.15 -15.28
C3' ADP C . -33.92 16.09 -14.49
O3' ADP C . -34.48 17.14 -15.26
C2' ADP C . -34.91 14.94 -14.43
O2' ADP C . -36.12 15.35 -15.08
C1' ADP C . -34.26 13.82 -15.21
N9 ADP C . -34.41 12.53 -14.52
C8 ADP C . -33.88 12.18 -13.34
N7 ADP C . -34.23 10.92 -13.00
C5 ADP C . -35.02 10.44 -13.98
C6 ADP C . -35.74 9.19 -14.25
N6 ADP C . -35.69 8.16 -13.39
N1 ADP C . -36.46 9.12 -15.39
C2 ADP C . -36.51 10.14 -16.25
N3 ADP C . -35.89 11.30 -16.07
C4 ADP C . -35.14 11.52 -14.97
#